data_3C3E
#
_entry.id   3C3E
#
_cell.length_a   186.544
_cell.length_b   186.544
_cell.length_c   67.790
_cell.angle_alpha   90.00
_cell.angle_beta   90.00
_cell.angle_gamma   120.00
#
_symmetry.space_group_name_H-M   'P 32'
#
loop_
_entity.id
_entity.type
_entity.pdbx_description
1 polymer '2-phospho-L-lactate transferase'
2 non-polymer 1-deoxy-1-(8-hydroxy-2,4-dioxo-3,4-dihydropyrimido[4,5-b]quinolin-10(2H)-yl)-D-ribitol
3 non-polymer "GUANOSINE-5'-DIPHOSPHATE"
4 water water
#
_entity_poly.entity_id   1
_entity_poly.type   'polypeptide(L)'
_entity_poly.pdbx_seq_one_letter_code
;(MSE)IIFSGGTGTPKLLDGLKEILPEEELTVVVNTAEDLWVSGNLISPDLDTVLYLFSDQIDRKRWWGIENDTFGTYER
(MSE)KELGIEEGLKLGDRDRATHIIRSNIIRDGASLTDSTVKLSSLFGIKANILP(MSE)SDDPVSTYIETAEGI
(MSE)HFQDFWIGKRGEPDVRGVDIRGVSEASISPKVLEAFEKEENILIGPSNPITSIGPIISLPG(MSE)RELLKKKKV
VAVSPIIGNAPVSGPAGKL(MSE)PACGIEVSS(MSE)GVAEYYQDFLDVFVFDERDRADEFAFERLGCHASRADTL
(MSE)TSTEKSKELAEIVVQAFLEHHHHHH
;
_entity_poly.pdbx_strand_id   A,B,C,D
#
# COMPACT_ATOMS: atom_id res chain seq x y z
N ILE A 2 -13.18 20.28 -48.84
CA ILE A 2 -12.38 20.70 -47.70
C ILE A 2 -12.65 22.18 -47.48
N ILE A 3 -12.74 22.59 -46.22
CA ILE A 3 -13.03 23.98 -45.87
C ILE A 3 -12.14 24.46 -44.71
N PHE A 4 -11.34 25.50 -44.95
CA PHE A 4 -10.48 26.05 -43.92
C PHE A 4 -11.36 27.01 -43.13
N SER A 5 -11.39 26.87 -41.81
CA SER A 5 -12.26 27.70 -40.99
C SER A 5 -11.64 28.32 -39.75
N GLY A 6 -12.28 29.40 -39.28
CA GLY A 6 -11.88 30.10 -38.07
C GLY A 6 -12.92 29.77 -37.03
N GLY A 7 -13.50 30.77 -36.38
CA GLY A 7 -14.52 30.50 -35.38
C GLY A 7 -15.71 31.43 -35.47
N THR A 8 -15.79 32.17 -36.57
CA THR A 8 -16.88 33.12 -36.76
C THR A 8 -17.29 33.20 -38.23
N GLY A 9 -16.43 33.81 -39.05
CA GLY A 9 -16.74 33.94 -40.45
C GLY A 9 -17.11 32.65 -41.14
N THR A 10 -16.13 31.77 -41.30
CA THR A 10 -16.34 30.51 -41.98
C THR A 10 -17.48 29.67 -41.42
N PRO A 11 -17.50 29.48 -40.09
CA PRO A 11 -18.60 28.67 -39.53
C PRO A 11 -19.95 29.30 -39.83
N LYS A 12 -19.95 30.57 -40.25
CA LYS A 12 -21.20 31.21 -40.60
C LYS A 12 -21.56 30.78 -42.01
N LEU A 13 -20.55 30.81 -42.89
CA LEU A 13 -20.75 30.38 -44.27
C LEU A 13 -21.13 28.92 -44.23
N LEU A 14 -20.47 28.17 -43.36
CA LEU A 14 -20.77 26.75 -43.22
C LEU A 14 -22.24 26.58 -42.80
N ASP A 15 -22.74 27.48 -41.95
CA ASP A 15 -24.11 27.42 -41.46
C ASP A 15 -25.12 27.31 -42.62
N GLY A 16 -24.73 27.86 -43.77
CA GLY A 16 -25.57 27.80 -44.95
C GLY A 16 -25.13 26.66 -45.86
N LEU A 17 -23.83 26.47 -46.00
CA LEU A 17 -23.26 25.43 -46.85
C LEU A 17 -23.79 24.04 -46.48
N LYS A 18 -24.04 23.83 -45.18
CA LYS A 18 -24.57 22.57 -44.67
C LYS A 18 -26.00 22.31 -45.12
N GLU A 19 -26.60 23.25 -45.85
CA GLU A 19 -27.97 23.13 -46.34
C GLU A 19 -27.96 22.87 -47.85
N ILE A 20 -26.77 22.94 -48.43
CA ILE A 20 -26.55 22.76 -49.86
C ILE A 20 -25.93 21.43 -50.27
N LEU A 21 -24.99 20.94 -49.47
CA LEU A 21 -24.33 19.68 -49.80
C LEU A 21 -24.50 18.71 -48.66
N PRO A 22 -24.34 17.43 -48.95
CA PRO A 22 -24.49 16.42 -47.89
C PRO A 22 -23.41 16.51 -46.82
N GLU A 23 -23.80 16.75 -45.56
CA GLU A 23 -22.82 16.88 -44.48
C GLU A 23 -21.63 15.96 -44.54
N GLU A 24 -21.87 14.68 -44.85
CA GLU A 24 -20.81 13.69 -44.94
C GLU A 24 -19.69 14.21 -45.82
N GLU A 25 -20.06 14.97 -46.84
CA GLU A 25 -19.09 15.51 -47.78
C GLU A 25 -18.35 16.76 -47.31
N LEU A 26 -18.83 17.40 -46.25
CA LEU A 26 -18.17 18.60 -45.76
C LEU A 26 -17.02 18.27 -44.81
N THR A 27 -15.79 18.58 -45.21
CA THR A 27 -14.60 18.35 -44.36
C THR A 27 -14.06 19.71 -43.93
N VAL A 28 -14.16 20.02 -42.64
CA VAL A 28 -13.72 21.33 -42.12
C VAL A 28 -12.37 21.27 -41.41
N VAL A 29 -11.36 21.99 -41.90
CA VAL A 29 -10.06 22.02 -41.24
C VAL A 29 -10.01 23.31 -40.43
N VAL A 30 -10.14 23.19 -39.11
CA VAL A 30 -10.17 24.36 -38.23
C VAL A 30 -8.81 24.80 -37.71
N ASN A 31 -8.72 26.06 -37.30
CA ASN A 31 -7.49 26.65 -36.79
C ASN A 31 -7.28 26.30 -35.31
N THR A 32 -6.07 25.87 -34.97
CA THR A 32 -5.78 25.52 -33.59
C THR A 32 -4.77 26.47 -32.96
N ALA A 33 -4.41 27.52 -33.69
CA ALA A 33 -3.45 28.47 -33.17
C ALA A 33 -4.06 29.35 -32.08
N GLU A 34 -5.36 29.20 -31.87
CA GLU A 34 -6.08 29.98 -30.86
C GLU A 34 -6.22 29.13 -29.61
N ASP A 35 -5.97 27.83 -29.75
CA ASP A 35 -6.06 26.90 -28.64
C ASP A 35 -5.18 27.33 -27.49
N LEU A 36 -5.67 27.03 -26.28
CA LEU A 36 -5.01 27.36 -25.03
C LEU A 36 -5.59 26.57 -23.88
N TRP A 37 -4.74 26.13 -22.95
CA TRP A 37 -5.26 25.41 -21.78
C TRP A 37 -5.77 26.39 -20.72
N VAL A 38 -7.04 26.24 -20.35
CA VAL A 38 -7.67 27.10 -19.34
C VAL A 38 -8.36 26.27 -18.27
N SER A 39 -8.02 26.53 -17.01
CA SER A 39 -8.61 25.82 -15.88
C SER A 39 -8.49 24.31 -16.01
N GLY A 40 -7.29 23.86 -16.39
CA GLY A 40 -6.98 22.44 -16.50
C GLY A 40 -7.46 21.67 -17.71
N ASN A 41 -8.11 22.38 -18.62
CA ASN A 41 -8.60 21.72 -19.80
C ASN A 41 -8.34 22.56 -21.02
N LEU A 42 -8.04 21.86 -22.10
CA LEU A 42 -7.73 22.47 -23.37
C LEU A 42 -8.97 22.99 -24.04
N ILE A 43 -8.90 24.23 -24.52
CA ILE A 43 -10.02 24.85 -25.19
C ILE A 43 -9.66 25.07 -26.65
N SER A 44 -10.57 24.78 -27.57
CA SER A 44 -10.29 25.01 -28.97
C SER A 44 -11.45 25.81 -29.47
N PRO A 45 -11.40 27.12 -29.26
CA PRO A 45 -12.47 28.02 -29.67
C PRO A 45 -12.95 27.81 -31.10
N ASP A 46 -12.05 27.85 -32.05
CA ASP A 46 -12.42 27.66 -33.43
C ASP A 46 -12.98 26.25 -33.61
N LEU A 47 -12.21 25.25 -33.20
CA LEU A 47 -12.63 23.85 -33.30
C LEU A 47 -13.96 23.53 -32.62
N ASP A 48 -14.23 24.20 -31.51
CA ASP A 48 -15.46 24.03 -30.74
C ASP A 48 -16.64 24.68 -31.42
N THR A 49 -16.47 25.93 -31.85
CA THR A 49 -17.56 26.63 -32.51
C THR A 49 -18.06 25.79 -33.68
N VAL A 50 -17.14 25.26 -34.51
CA VAL A 50 -17.53 24.42 -35.65
C VAL A 50 -18.31 23.19 -35.14
N LEU A 51 -17.81 22.54 -34.08
CA LEU A 51 -18.47 21.37 -33.48
C LEU A 51 -19.91 21.66 -33.03
N TYR A 52 -20.11 22.84 -32.42
CA TYR A 52 -21.41 23.28 -31.92
C TYR A 52 -22.33 23.71 -33.08
N LEU A 53 -21.71 24.22 -34.14
CA LEU A 53 -22.45 24.68 -35.31
C LEU A 53 -23.19 23.50 -35.93
N PHE A 54 -22.48 22.42 -36.20
CA PHE A 54 -23.08 21.24 -36.81
C PHE A 54 -23.91 20.44 -35.81
N SER A 55 -23.49 20.39 -34.55
CA SER A 55 -24.22 19.66 -33.53
C SER A 55 -25.45 20.46 -33.16
N ASP A 56 -25.64 21.56 -33.88
CA ASP A 56 -26.79 22.42 -33.68
C ASP A 56 -27.06 22.84 -32.24
N GLN A 57 -26.08 23.46 -31.61
CA GLN A 57 -26.21 23.94 -30.24
C GLN A 57 -25.31 25.14 -30.03
N ILE A 58 -24.97 25.83 -31.10
CA ILE A 58 -24.11 27.00 -31.00
C ILE A 58 -24.95 28.21 -30.67
N ASP A 59 -24.42 29.06 -29.81
CA ASP A 59 -25.10 30.29 -29.42
C ASP A 59 -24.94 31.25 -30.58
N ARG A 60 -26.04 31.51 -31.28
CA ARG A 60 -26.00 32.38 -32.44
C ARG A 60 -25.99 33.86 -32.13
N LYS A 61 -26.09 34.21 -30.86
CA LYS A 61 -26.09 35.61 -30.48
C LYS A 61 -24.66 36.15 -30.55
N ARG A 62 -23.71 35.41 -29.99
CA ARG A 62 -22.32 35.87 -29.99
C ARG A 62 -21.45 35.00 -30.88
N TRP A 63 -22.04 33.91 -31.35
CA TRP A 63 -21.34 32.95 -32.22
C TRP A 63 -20.09 32.33 -31.59
N TRP A 64 -20.22 31.92 -30.34
CA TRP A 64 -19.18 31.24 -29.59
C TRP A 64 -19.88 30.65 -28.38
N GLY A 65 -19.39 29.51 -27.89
CA GLY A 65 -20.02 28.88 -26.76
C GLY A 65 -21.37 28.27 -27.06
N ILE A 66 -21.88 27.47 -26.14
CA ILE A 66 -23.15 26.81 -26.30
C ILE A 66 -24.34 27.72 -26.00
N GLU A 67 -25.38 27.54 -26.80
CA GLU A 67 -26.65 28.28 -26.73
C GLU A 67 -27.34 27.99 -25.41
N ASN A 68 -27.61 29.04 -24.62
CA ASN A 68 -28.28 28.89 -23.34
C ASN A 68 -27.52 28.06 -22.32
N ASP A 69 -26.21 28.26 -22.29
CA ASP A 69 -25.37 27.52 -21.37
C ASP A 69 -25.57 28.16 -19.99
N THR A 70 -25.20 27.43 -18.94
CA THR A 70 -25.30 27.93 -17.56
C THR A 70 -23.88 28.30 -17.14
N PHE A 71 -23.71 29.02 -16.04
CA PHE A 71 -22.36 29.39 -15.63
C PHE A 71 -22.12 29.24 -14.14
N GLY A 72 -22.37 28.04 -13.64
CA GLY A 72 -22.20 27.79 -12.23
C GLY A 72 -20.76 27.91 -11.78
N THR A 73 -19.88 27.14 -12.40
CA THR A 73 -18.47 27.16 -12.05
C THR A 73 -17.88 28.55 -12.30
N TYR A 74 -18.44 29.26 -13.27
CA TYR A 74 -17.97 30.61 -13.61
C TYR A 74 -18.38 31.61 -12.57
N GLU A 75 -19.68 31.91 -12.50
CA GLU A 75 -20.22 32.86 -11.53
C GLU A 75 -19.66 32.59 -10.14
N ARG A 76 -19.44 31.32 -9.81
CA ARG A 76 -18.92 31.01 -8.49
C ARG A 76 -17.57 31.68 -8.28
N LYS A 78 -16.43 34.00 -9.85
CA LYS A 78 -16.64 35.43 -10.04
C LYS A 78 -16.83 36.03 -8.65
N GLU A 79 -17.66 35.36 -7.85
CA GLU A 79 -17.94 35.80 -6.48
C GLU A 79 -16.63 35.88 -5.71
N LEU A 80 -15.86 34.80 -5.74
CA LEU A 80 -14.59 34.77 -5.05
C LEU A 80 -13.58 35.69 -5.72
N GLY A 81 -14.06 36.45 -6.69
CA GLY A 81 -13.22 37.40 -7.41
C GLY A 81 -12.04 36.79 -8.13
N ILE A 82 -12.31 35.70 -8.86
CA ILE A 82 -11.25 35.06 -9.62
C ILE A 82 -11.62 35.03 -11.10
N GLU A 83 -10.83 35.72 -11.90
CA GLU A 83 -11.07 35.77 -13.33
C GLU A 83 -10.48 34.51 -13.95
N GLU A 84 -11.32 33.76 -14.68
CA GLU A 84 -10.90 32.52 -15.31
C GLU A 84 -10.25 32.76 -16.69
N GLY A 85 -10.36 33.99 -17.17
CA GLY A 85 -9.81 34.34 -18.47
C GLY A 85 -10.90 34.57 -19.48
N LEU A 86 -11.76 33.57 -19.65
CA LEU A 86 -12.87 33.66 -20.58
C LEU A 86 -14.10 33.02 -19.96
N LYS A 87 -15.26 33.61 -20.20
CA LYS A 87 -16.50 33.08 -19.64
C LYS A 87 -16.74 31.67 -20.14
N LEU A 88 -16.49 30.68 -19.29
CA LEU A 88 -16.69 29.30 -19.69
C LEU A 88 -18.03 28.79 -19.17
N GLY A 89 -18.87 28.33 -20.09
CA GLY A 89 -20.16 27.80 -19.72
C GLY A 89 -19.97 26.44 -19.10
N ASP A 90 -20.99 25.95 -18.41
CA ASP A 90 -20.87 24.65 -17.78
C ASP A 90 -20.88 23.54 -18.78
N ARG A 91 -21.76 23.62 -19.77
CA ARG A 91 -21.85 22.60 -20.80
C ARG A 91 -20.63 22.73 -21.71
N ASP A 92 -20.27 23.97 -22.01
CA ASP A 92 -19.12 24.24 -22.85
C ASP A 92 -17.87 23.63 -22.21
N ARG A 93 -17.78 23.65 -20.88
CA ARG A 93 -16.60 23.10 -20.21
C ARG A 93 -16.56 21.58 -20.36
N ALA A 94 -17.74 20.96 -20.32
CA ALA A 94 -17.83 19.50 -20.45
C ALA A 94 -17.09 19.08 -21.70
N THR A 95 -17.11 19.93 -22.72
CA THR A 95 -16.42 19.65 -23.98
C THR A 95 -14.93 19.66 -23.70
N HIS A 96 -14.47 20.75 -23.08
CA HIS A 96 -13.06 20.92 -22.77
C HIS A 96 -12.51 19.70 -22.05
N ILE A 97 -13.28 19.22 -21.08
CA ILE A 97 -12.91 18.07 -20.29
C ILE A 97 -12.87 16.80 -21.15
N ILE A 98 -14.02 16.43 -21.71
CA ILE A 98 -14.12 15.25 -22.57
C ILE A 98 -12.95 15.17 -23.54
N ARG A 99 -12.63 16.29 -24.18
CA ARG A 99 -11.52 16.32 -25.12
C ARG A 99 -10.20 16.11 -24.38
N SER A 100 -10.02 16.86 -23.29
CA SER A 100 -8.80 16.80 -22.50
C SER A 100 -8.54 15.43 -21.90
N ASN A 101 -9.58 14.75 -21.45
CA ASN A 101 -9.39 13.42 -20.88
C ASN A 101 -8.74 12.50 -21.93
N ILE A 102 -9.22 12.58 -23.16
CA ILE A 102 -8.67 11.76 -24.23
C ILE A 102 -7.21 12.14 -24.51
N ILE A 103 -6.94 13.45 -24.58
CA ILE A 103 -5.57 13.95 -24.82
C ILE A 103 -4.66 13.38 -23.74
N ARG A 104 -5.10 13.49 -22.49
CA ARG A 104 -4.38 13.02 -21.32
C ARG A 104 -4.21 11.50 -21.27
N ASP A 105 -4.97 10.75 -22.07
CA ASP A 105 -4.80 9.30 -22.07
C ASP A 105 -4.02 8.80 -23.23
N GLY A 106 -3.24 9.67 -23.85
CA GLY A 106 -2.41 9.27 -24.97
C GLY A 106 -2.97 9.48 -26.38
N ALA A 107 -4.13 10.12 -26.49
CA ALA A 107 -4.74 10.37 -27.78
C ALA A 107 -4.35 11.74 -28.29
N SER A 108 -4.56 11.95 -29.58
CA SER A 108 -4.21 13.19 -30.24
C SER A 108 -5.39 14.15 -30.28
N LEU A 109 -5.09 15.42 -30.55
CA LEU A 109 -6.13 16.42 -30.65
C LEU A 109 -7.19 15.99 -31.64
N THR A 110 -6.77 15.46 -32.80
CA THR A 110 -7.69 14.98 -33.84
C THR A 110 -8.60 13.89 -33.29
N ASP A 111 -8.05 12.99 -32.48
CA ASP A 111 -8.83 11.94 -31.88
C ASP A 111 -9.97 12.51 -31.07
N SER A 112 -9.62 13.45 -30.19
CA SER A 112 -10.62 14.08 -29.32
C SER A 112 -11.73 14.69 -30.15
N THR A 113 -11.35 15.21 -31.31
CA THR A 113 -12.32 15.84 -32.20
C THR A 113 -13.26 14.82 -32.80
N VAL A 114 -12.71 13.70 -33.25
CA VAL A 114 -13.55 12.67 -33.82
C VAL A 114 -14.58 12.18 -32.79
N LYS A 115 -14.14 11.91 -31.56
CA LYS A 115 -15.04 11.44 -30.52
C LYS A 115 -16.10 12.47 -30.19
N LEU A 116 -15.69 13.72 -30.05
CA LEU A 116 -16.66 14.75 -29.75
C LEU A 116 -17.66 14.83 -30.90
N SER A 117 -17.19 14.60 -32.13
CA SER A 117 -18.07 14.65 -33.28
C SER A 117 -19.15 13.61 -33.17
N SER A 118 -18.76 12.36 -32.96
CA SER A 118 -19.76 11.30 -32.84
C SER A 118 -20.57 11.50 -31.58
N LEU A 119 -19.92 11.94 -30.49
CA LEU A 119 -20.65 12.18 -29.25
C LEU A 119 -21.76 13.20 -29.47
N PHE A 120 -21.53 14.12 -30.40
CA PHE A 120 -22.48 15.18 -30.76
C PHE A 120 -23.32 14.77 -31.95
N GLY A 121 -22.94 13.66 -32.56
CA GLY A 121 -23.66 13.15 -33.70
C GLY A 121 -23.44 13.88 -35.01
N ILE A 122 -22.54 14.86 -35.06
CA ILE A 122 -22.32 15.58 -36.32
C ILE A 122 -21.83 14.62 -37.40
N LYS A 123 -22.42 14.74 -38.60
CA LYS A 123 -22.10 13.90 -39.74
C LYS A 123 -20.87 14.41 -40.48
N ALA A 124 -20.66 15.73 -40.41
CA ALA A 124 -19.53 16.36 -41.07
C ALA A 124 -18.23 15.83 -40.54
N ASN A 125 -17.16 16.24 -41.19
CA ASN A 125 -15.82 15.82 -40.83
C ASN A 125 -15.04 17.01 -40.31
N ILE A 126 -15.06 17.19 -39.00
CA ILE A 126 -14.35 18.29 -38.36
C ILE A 126 -12.93 17.82 -37.99
N LEU A 127 -11.93 18.53 -38.50
CA LEU A 127 -10.56 18.15 -38.24
C LEU A 127 -9.68 19.36 -37.93
N PRO A 128 -8.83 19.25 -36.91
CA PRO A 128 -7.94 20.34 -36.54
C PRO A 128 -6.76 20.33 -37.51
N SER A 130 -3.80 20.62 -37.07
CA SER A 130 -2.67 19.82 -36.64
C SER A 130 -2.76 19.33 -35.20
N ASP A 131 -2.18 18.15 -34.97
CA ASP A 131 -2.17 17.55 -33.63
C ASP A 131 -1.12 18.25 -32.80
N ASP A 132 -0.18 18.92 -33.46
CA ASP A 132 0.88 19.64 -32.80
C ASP A 132 0.41 20.98 -32.29
N PRO A 133 1.07 21.52 -31.25
CA PRO A 133 0.70 22.81 -30.66
C PRO A 133 1.14 24.01 -31.47
N VAL A 134 0.31 25.04 -31.48
CA VAL A 134 0.60 26.26 -32.20
C VAL A 134 -0.11 27.37 -31.48
N SER A 135 0.61 28.45 -31.16
CA SER A 135 -0.02 29.57 -30.46
C SER A 135 0.22 30.89 -31.12
N THR A 136 -0.79 31.74 -31.16
CA THR A 136 -0.66 33.05 -31.78
C THR A 136 -0.46 34.15 -30.76
N TYR A 137 0.78 34.66 -30.65
CA TYR A 137 1.08 35.74 -29.71
C TYR A 137 1.14 37.06 -30.47
N ILE A 138 0.65 38.12 -29.86
CA ILE A 138 0.66 39.42 -30.50
C ILE A 138 1.57 40.39 -29.78
N GLU A 139 2.44 41.04 -30.55
CA GLU A 139 3.39 42.00 -30.02
C GLU A 139 2.75 43.38 -30.03
N THR A 140 2.22 43.78 -28.89
CA THR A 140 1.57 45.07 -28.75
C THR A 140 2.51 46.14 -28.19
N ALA A 141 1.99 47.36 -28.11
CA ALA A 141 2.74 48.49 -27.58
C ALA A 141 2.68 48.41 -26.05
N GLU A 142 2.66 47.18 -25.53
CA GLU A 142 2.61 46.95 -24.10
C GLU A 142 3.35 45.67 -23.77
N GLY A 143 3.77 44.96 -24.81
CA GLY A 143 4.48 43.72 -24.59
C GLY A 143 3.95 42.56 -25.40
N ILE A 144 4.74 41.50 -25.48
CA ILE A 144 4.35 40.32 -26.23
C ILE A 144 3.39 39.52 -25.36
N HIS A 146 -0.48 36.87 -25.37
CA HIS A 146 -1.21 35.86 -26.13
C HIS A 146 -2.48 36.46 -26.73
N PHE A 147 -2.93 35.89 -27.85
CA PHE A 147 -4.11 36.40 -28.53
C PHE A 147 -5.27 36.60 -27.55
N GLN A 148 -5.57 35.57 -26.76
CA GLN A 148 -6.66 35.67 -25.81
C GLN A 148 -6.53 36.90 -24.94
N ASP A 149 -5.33 37.09 -24.40
CA ASP A 149 -5.04 38.23 -23.54
C ASP A 149 -5.22 39.52 -24.30
N PHE A 150 -5.01 39.47 -25.61
CA PHE A 150 -5.15 40.66 -26.43
C PHE A 150 -6.58 40.98 -26.79
N TRP A 151 -7.26 40.00 -27.40
CA TRP A 151 -8.64 40.18 -27.82
C TRP A 151 -9.64 40.16 -26.66
N ILE A 152 -9.77 39.03 -25.98
CA ILE A 152 -10.70 38.92 -24.86
C ILE A 152 -10.26 39.80 -23.68
N GLY A 153 -9.04 39.59 -23.20
CA GLY A 153 -8.54 40.37 -22.08
C GLY A 153 -8.52 41.88 -22.28
N LYS A 154 -7.58 42.37 -23.08
CA LYS A 154 -7.44 43.80 -23.34
C LYS A 154 -8.43 44.32 -24.38
N ARG A 155 -9.51 43.59 -24.61
CA ARG A 155 -10.52 43.99 -25.59
C ARG A 155 -9.95 44.31 -26.99
N GLY A 156 -8.70 43.93 -27.21
CA GLY A 156 -8.06 44.17 -28.49
C GLY A 156 -7.69 45.63 -28.75
N GLU A 157 -7.67 46.43 -27.69
CA GLU A 157 -7.34 47.85 -27.79
C GLU A 157 -5.84 48.14 -27.95
N PRO A 158 -4.98 47.37 -27.25
CA PRO A 158 -3.53 47.57 -27.34
C PRO A 158 -3.05 47.73 -28.78
N ASP A 159 -2.11 48.65 -28.99
CA ASP A 159 -1.56 48.90 -30.32
C ASP A 159 -0.68 47.76 -30.80
N VAL A 160 -1.16 47.04 -31.80
CA VAL A 160 -0.42 45.91 -32.34
C VAL A 160 0.79 46.34 -33.16
N ARG A 161 1.89 45.63 -32.98
CA ARG A 161 3.10 45.98 -33.71
C ARG A 161 3.54 44.80 -34.57
N GLY A 162 3.19 43.59 -34.13
CA GLY A 162 3.57 42.41 -34.87
C GLY A 162 2.82 41.18 -34.39
N VAL A 163 2.82 40.15 -35.21
CA VAL A 163 2.13 38.92 -34.84
C VAL A 163 3.09 37.75 -34.94
N ASP A 164 3.02 36.84 -33.98
CA ASP A 164 3.90 35.67 -33.97
C ASP A 164 3.12 34.38 -33.79
N ILE A 165 3.11 33.55 -34.84
CA ILE A 165 2.42 32.28 -34.80
C ILE A 165 3.44 31.18 -34.53
N ARG A 166 3.81 31.03 -33.27
CA ARG A 166 4.77 30.06 -32.79
C ARG A 166 4.38 28.59 -32.93
N GLY A 167 5.29 27.78 -33.44
CA GLY A 167 5.02 26.36 -33.57
C GLY A 167 4.68 25.89 -34.97
N VAL A 168 3.96 26.75 -35.69
CA VAL A 168 3.51 26.44 -37.04
C VAL A 168 4.63 25.89 -37.89
N SER A 169 5.80 26.51 -37.79
CA SER A 169 6.97 26.09 -38.54
C SER A 169 7.43 24.68 -38.15
N GLU A 170 7.11 24.25 -36.93
CA GLU A 170 7.49 22.92 -36.45
C GLU A 170 6.29 21.97 -36.36
N ALA A 171 5.10 22.52 -36.66
CA ALA A 171 3.85 21.76 -36.64
C ALA A 171 3.74 20.94 -37.92
N SER A 172 2.78 20.01 -37.96
CA SER A 172 2.59 19.15 -39.11
C SER A 172 1.13 18.95 -39.40
N ILE A 173 0.75 19.05 -40.66
CA ILE A 173 -0.64 18.86 -41.07
C ILE A 173 -1.20 17.54 -40.54
N SER A 174 -2.32 17.63 -39.83
CA SER A 174 -2.99 16.47 -39.27
C SER A 174 -3.05 15.31 -40.27
N PRO A 175 -2.68 14.10 -39.82
CA PRO A 175 -2.71 12.93 -40.70
C PRO A 175 -4.04 12.85 -41.45
N LYS A 176 -5.14 13.14 -40.76
CA LYS A 176 -6.45 13.07 -41.41
C LYS A 176 -6.65 14.20 -42.42
N VAL A 177 -6.13 15.37 -42.12
CA VAL A 177 -6.25 16.49 -43.05
C VAL A 177 -5.47 16.13 -44.31
N LEU A 178 -4.28 15.55 -44.16
CA LEU A 178 -3.51 15.15 -45.33
C LEU A 178 -4.24 14.03 -46.07
N GLU A 179 -4.87 13.13 -45.31
CA GLU A 179 -5.61 12.03 -45.88
C GLU A 179 -6.83 12.56 -46.62
N ALA A 180 -7.24 13.77 -46.25
CA ALA A 180 -8.39 14.41 -46.88
C ALA A 180 -7.97 14.96 -48.24
N PHE A 181 -6.88 15.72 -48.26
CA PHE A 181 -6.39 16.30 -49.53
C PHE A 181 -6.07 15.22 -50.56
N GLU A 182 -5.92 14.00 -50.06
CA GLU A 182 -5.61 12.86 -50.90
C GLU A 182 -6.82 12.50 -51.74
N LYS A 183 -8.01 12.65 -51.15
CA LYS A 183 -9.26 12.32 -51.82
C LYS A 183 -9.96 13.53 -52.46
N GLU A 184 -10.10 14.62 -51.71
CA GLU A 184 -10.75 15.85 -52.19
C GLU A 184 -9.86 16.66 -53.13
N GLU A 185 -10.47 17.54 -53.92
CA GLU A 185 -9.75 18.41 -54.86
C GLU A 185 -10.37 19.82 -54.87
N ASN A 186 -11.29 20.05 -53.94
CA ASN A 186 -11.94 21.34 -53.81
C ASN A 186 -11.66 21.93 -52.43
N ILE A 187 -10.95 23.05 -52.41
CA ILE A 187 -10.60 23.72 -51.16
C ILE A 187 -11.26 25.10 -51.08
N LEU A 188 -12.09 25.31 -50.06
CA LEU A 188 -12.77 26.58 -49.88
C LEU A 188 -12.21 27.36 -48.70
N ILE A 189 -11.60 28.51 -48.97
CA ILE A 189 -11.07 29.32 -47.90
C ILE A 189 -12.19 30.17 -47.34
N GLY A 190 -12.73 29.79 -46.19
CA GLY A 190 -13.81 30.56 -45.60
C GLY A 190 -13.43 31.99 -45.33
N PRO A 191 -14.39 32.87 -45.02
CA PRO A 191 -14.13 34.28 -44.74
C PRO A 191 -13.72 34.52 -43.30
N SER A 192 -12.57 34.02 -42.89
CA SER A 192 -12.06 34.19 -41.53
C SER A 192 -10.75 35.02 -41.56
N ASN A 193 -10.29 35.52 -40.41
CA ASN A 193 -9.06 36.31 -40.37
C ASN A 193 -7.97 35.59 -41.16
N PRO A 194 -7.48 36.22 -42.22
CA PRO A 194 -6.43 35.66 -43.07
C PRO A 194 -5.05 35.60 -42.42
N ILE A 195 -4.94 36.23 -41.26
CA ILE A 195 -3.66 36.27 -40.57
C ILE A 195 -3.57 35.28 -39.40
N THR A 196 -4.54 35.39 -38.49
CA THR A 196 -4.59 34.57 -37.28
C THR A 196 -5.42 33.28 -37.30
N SER A 197 -6.14 33.06 -38.40
CA SER A 197 -7.00 31.89 -38.56
C SER A 197 -6.66 31.06 -39.80
N ILE A 198 -6.76 31.68 -40.96
CA ILE A 198 -6.44 30.99 -42.21
C ILE A 198 -4.94 30.88 -42.35
N GLY A 199 -4.24 31.98 -42.06
CA GLY A 199 -2.81 32.00 -42.17
C GLY A 199 -2.19 30.80 -41.51
N PRO A 200 -2.42 30.65 -40.19
CA PRO A 200 -1.88 29.52 -39.43
C PRO A 200 -1.99 28.19 -40.16
N ILE A 201 -3.10 28.01 -40.89
CA ILE A 201 -3.33 26.77 -41.62
C ILE A 201 -2.45 26.68 -42.88
N ILE A 202 -2.47 27.71 -43.72
CA ILE A 202 -1.67 27.69 -44.95
C ILE A 202 -0.17 27.83 -44.67
N SER A 203 0.18 28.03 -43.40
CA SER A 203 1.57 28.18 -42.98
C SER A 203 2.20 26.86 -42.55
N LEU A 204 1.39 25.81 -42.44
CA LEU A 204 1.91 24.50 -42.06
C LEU A 204 2.82 23.98 -43.17
N PRO A 205 3.95 23.39 -42.78
CA PRO A 205 4.88 22.87 -43.79
C PRO A 205 4.25 21.97 -44.83
N GLY A 206 4.49 22.33 -46.09
CA GLY A 206 3.98 21.59 -47.24
C GLY A 206 2.53 21.87 -47.57
N ARG A 208 1.06 25.15 -48.23
CA ARG A 208 0.93 26.12 -49.31
C ARG A 208 1.21 25.46 -50.64
N GLU A 209 1.80 24.25 -50.63
CA GLU A 209 2.11 23.57 -51.87
C GLU A 209 0.96 22.68 -52.32
N LEU A 210 0.21 22.15 -51.36
CA LEU A 210 -0.95 21.31 -51.65
C LEU A 210 -2.07 22.14 -52.26
N LEU A 211 -2.10 23.42 -51.90
CA LEU A 211 -3.14 24.32 -52.38
C LEU A 211 -2.91 24.68 -53.83
N LYS A 212 -1.69 24.50 -54.28
CA LYS A 212 -1.39 24.81 -55.66
C LYS A 212 -1.93 23.70 -56.54
N LYS A 213 -2.04 22.50 -55.98
CA LYS A 213 -2.52 21.36 -56.76
C LYS A 213 -4.02 21.15 -56.64
N LYS A 214 -4.71 22.16 -56.12
CA LYS A 214 -6.16 22.06 -55.93
C LYS A 214 -6.92 23.32 -56.38
N LYS A 215 -8.25 23.19 -56.47
CA LYS A 215 -9.09 24.33 -56.85
C LYS A 215 -9.44 25.12 -55.60
N VAL A 216 -8.86 26.30 -55.48
CA VAL A 216 -9.08 27.14 -54.31
C VAL A 216 -10.04 28.30 -54.56
N VAL A 217 -11.01 28.43 -53.66
CA VAL A 217 -12.00 29.49 -53.75
C VAL A 217 -12.00 30.14 -52.38
N ALA A 218 -12.04 31.47 -52.34
CA ALA A 218 -12.03 32.16 -51.05
C ALA A 218 -13.05 33.26 -51.04
N VAL A 219 -13.52 33.60 -49.85
CA VAL A 219 -14.50 34.67 -49.70
C VAL A 219 -13.88 35.74 -48.82
N SER A 220 -13.75 36.96 -49.35
CA SER A 220 -13.14 38.06 -48.61
C SER A 220 -13.80 38.28 -47.24
N PRO A 221 -12.98 38.28 -46.18
CA PRO A 221 -13.49 38.49 -44.83
C PRO A 221 -13.50 39.98 -44.52
N ILE A 222 -13.08 40.77 -45.49
CA ILE A 222 -13.04 42.21 -45.32
C ILE A 222 -13.96 42.92 -46.30
N ILE A 223 -15.11 43.36 -45.81
CA ILE A 223 -16.07 44.06 -46.65
C ILE A 223 -15.71 45.54 -46.67
N GLY A 224 -14.96 45.94 -47.70
CA GLY A 224 -14.56 47.33 -47.82
C GLY A 224 -13.13 47.58 -47.37
N ASN A 225 -12.99 48.43 -46.35
CA ASN A 225 -11.67 48.78 -45.82
C ASN A 225 -11.46 48.17 -44.43
N ALA A 226 -12.53 47.61 -43.86
CA ALA A 226 -12.45 46.97 -42.55
C ALA A 226 -13.23 45.66 -42.56
N PRO A 227 -12.89 44.74 -41.64
CA PRO A 227 -13.54 43.44 -41.50
C PRO A 227 -14.87 43.57 -40.76
N VAL A 228 -15.83 42.70 -41.08
CA VAL A 228 -17.15 42.72 -40.44
C VAL A 228 -16.98 42.72 -38.92
N SER A 229 -15.90 42.08 -38.46
CA SER A 229 -15.56 41.97 -37.04
C SER A 229 -14.17 41.36 -36.85
N GLY A 230 -13.85 40.94 -35.63
CA GLY A 230 -12.54 40.36 -35.41
C GLY A 230 -11.42 41.39 -35.51
N PRO A 231 -10.29 41.15 -34.83
CA PRO A 231 -9.13 42.05 -34.83
C PRO A 231 -8.41 42.12 -36.17
N ALA A 232 -9.11 41.75 -37.23
CA ALA A 232 -8.53 41.76 -38.56
C ALA A 232 -8.10 43.18 -38.94
N GLY A 233 -8.70 44.18 -38.30
CA GLY A 233 -8.34 45.55 -38.60
C GLY A 233 -6.90 45.92 -38.30
N LYS A 234 -6.40 45.55 -37.12
CA LYS A 234 -5.02 45.89 -36.74
C LYS A 234 -3.98 44.86 -37.17
N LEU A 235 -4.27 43.59 -36.91
CA LEU A 235 -3.36 42.51 -37.25
C LEU A 235 -2.81 42.53 -38.68
N PRO A 237 -2.71 44.94 -41.25
CA PRO A 237 -1.82 46.05 -41.60
C PRO A 237 -0.52 45.96 -40.80
N ALA A 238 -0.65 45.83 -39.48
CA ALA A 238 0.52 45.73 -38.61
C ALA A 238 1.36 44.53 -39.00
N CYS A 239 0.82 43.67 -39.85
CA CYS A 239 1.57 42.49 -40.28
C CYS A 239 2.03 42.67 -41.72
N GLY A 240 1.70 43.81 -42.30
CA GLY A 240 2.12 44.08 -43.67
C GLY A 240 1.19 43.57 -44.75
N ILE A 241 -0.11 43.79 -44.54
CA ILE A 241 -1.11 43.36 -45.51
C ILE A 241 -2.13 44.47 -45.66
N GLU A 242 -2.52 44.75 -46.90
CA GLU A 242 -3.51 45.80 -47.16
C GLU A 242 -4.89 45.39 -46.61
N VAL A 243 -5.50 46.22 -45.76
CA VAL A 243 -6.82 45.89 -45.20
C VAL A 243 -7.95 46.18 -46.19
N SER A 244 -8.10 45.31 -47.19
CA SER A 244 -9.14 45.46 -48.21
C SER A 244 -9.37 44.18 -48.98
N SER A 245 -10.52 44.07 -49.62
CA SER A 245 -10.86 42.89 -50.40
C SER A 245 -9.72 42.60 -51.37
N GLY A 247 -6.30 43.28 -50.70
CA GLY A 247 -5.15 42.72 -50.02
C GLY A 247 -5.35 41.24 -49.79
N VAL A 248 -6.58 40.86 -49.44
CA VAL A 248 -6.89 39.45 -49.18
C VAL A 248 -6.52 38.57 -50.36
N ALA A 249 -7.08 38.92 -51.53
CA ALA A 249 -6.83 38.18 -52.76
C ALA A 249 -5.33 38.11 -53.06
N GLU A 250 -4.59 39.14 -52.66
CA GLU A 250 -3.14 39.17 -52.88
C GLU A 250 -2.47 38.17 -51.96
N TYR A 251 -2.93 38.10 -50.72
CA TYR A 251 -2.33 37.20 -49.75
C TYR A 251 -2.36 35.75 -50.22
N TYR A 252 -3.53 35.27 -50.64
CA TYR A 252 -3.66 33.88 -51.08
C TYR A 252 -3.26 33.75 -52.55
N GLN A 253 -2.57 34.77 -53.04
CA GLN A 253 -2.14 34.84 -54.43
C GLN A 253 -1.44 33.59 -54.94
N ASP A 254 -0.62 32.96 -54.11
CA ASP A 254 0.11 31.77 -54.53
C ASP A 254 -0.69 30.50 -54.77
N PHE A 255 -2.00 30.53 -54.52
CA PHE A 255 -2.80 29.32 -54.72
C PHE A 255 -4.28 29.59 -54.97
N LEU A 256 -4.65 30.86 -54.91
CA LEU A 256 -6.05 31.28 -55.10
C LEU A 256 -6.49 31.21 -56.57
N ASP A 257 -7.63 30.58 -56.80
CA ASP A 257 -8.17 30.43 -58.15
C ASP A 257 -9.44 31.24 -58.34
N VAL A 258 -10.35 31.15 -57.38
CA VAL A 258 -11.60 31.88 -57.45
C VAL A 258 -11.77 32.72 -56.18
N PHE A 259 -12.04 34.00 -56.36
CA PHE A 259 -12.22 34.89 -55.22
C PHE A 259 -13.64 35.44 -55.22
N VAL A 260 -14.27 35.53 -54.05
CA VAL A 260 -15.62 36.05 -53.96
C VAL A 260 -15.72 37.10 -52.87
N PHE A 261 -15.67 38.38 -53.26
CA PHE A 261 -15.76 39.47 -52.29
C PHE A 261 -17.15 40.10 -52.31
N ASP A 262 -17.41 40.93 -51.31
CA ASP A 262 -18.70 41.59 -51.19
C ASP A 262 -19.01 42.47 -52.40
N GLU A 263 -20.29 42.79 -52.58
CA GLU A 263 -20.73 43.62 -53.69
C GLU A 263 -20.70 45.09 -53.34
N ARG A 264 -20.70 45.40 -52.04
CA ARG A 264 -20.64 46.77 -51.58
C ARG A 264 -19.40 47.54 -52.05
N ASP A 265 -18.66 47.01 -53.01
CA ASP A 265 -17.47 47.73 -53.51
C ASP A 265 -16.88 47.18 -54.81
N ARG A 266 -17.73 46.93 -55.80
CA ARG A 266 -17.27 46.38 -57.10
C ARG A 266 -15.89 46.90 -57.48
N ALA A 267 -14.88 46.15 -57.10
CA ALA A 267 -13.53 46.55 -57.40
C ALA A 267 -13.16 46.21 -58.83
N ASP A 268 -12.01 46.74 -59.24
CA ASP A 268 -11.48 46.53 -60.57
C ASP A 268 -11.36 45.04 -60.82
N GLU A 269 -12.34 44.48 -61.53
CA GLU A 269 -12.31 43.06 -61.85
C GLU A 269 -11.05 42.77 -62.68
N PHE A 270 -10.60 43.75 -63.46
CA PHE A 270 -9.39 43.58 -64.29
C PHE A 270 -8.15 43.56 -63.39
N ALA A 271 -8.28 44.15 -62.21
CA ALA A 271 -7.17 44.20 -61.25
C ALA A 271 -6.94 42.79 -60.72
N PHE A 272 -8.02 42.03 -60.57
CA PHE A 272 -7.96 40.65 -60.08
C PHE A 272 -7.37 39.71 -61.14
N GLU A 273 -7.79 39.88 -62.39
CA GLU A 273 -7.30 39.04 -63.48
C GLU A 273 -5.77 39.07 -63.55
N ARG A 274 -5.20 40.22 -63.22
CA ARG A 274 -3.75 40.37 -63.21
C ARG A 274 -3.26 40.20 -61.78
N LEU A 275 -3.94 39.33 -61.04
CA LEU A 275 -3.60 39.03 -59.66
C LEU A 275 -3.62 37.51 -59.55
N GLY A 276 -4.08 36.88 -60.63
CA GLY A 276 -4.15 35.42 -60.72
C GLY A 276 -5.42 34.75 -60.21
N CYS A 277 -6.51 35.51 -60.06
CA CYS A 277 -7.76 34.95 -59.56
C CYS A 277 -9.00 35.59 -60.15
N HIS A 278 -9.97 34.76 -60.50
CA HIS A 278 -11.22 35.25 -61.07
C HIS A 278 -12.06 35.87 -59.96
N ALA A 279 -12.22 37.18 -60.01
CA ALA A 279 -13.00 37.89 -59.00
C ALA A 279 -14.48 37.57 -59.16
N SER A 280 -15.31 38.14 -58.29
CA SER A 280 -16.75 37.94 -58.32
C SER A 280 -17.40 38.58 -57.10
N ARG A 281 -18.37 39.44 -57.31
CA ARG A 281 -19.05 40.11 -56.17
C ARG A 281 -20.22 39.24 -55.68
N ALA A 282 -20.76 39.60 -54.52
CA ALA A 282 -21.91 38.93 -53.90
C ALA A 282 -22.16 39.50 -52.51
N ASP A 283 -23.37 39.31 -52.00
CA ASP A 283 -23.71 39.82 -50.67
C ASP A 283 -23.12 38.85 -49.64
N THR A 284 -21.89 39.11 -49.23
CA THR A 284 -21.21 38.26 -48.26
C THR A 284 -21.63 38.54 -46.83
N LEU A 285 -22.31 39.65 -46.59
CA LEU A 285 -22.75 39.99 -45.24
C LEU A 285 -23.89 39.06 -44.81
N THR A 287 -26.43 37.90 -42.77
CA THR A 287 -27.38 38.31 -41.76
C THR A 287 -28.07 37.12 -41.11
N SER A 288 -28.71 36.27 -41.91
CA SER A 288 -29.39 35.12 -41.35
C SER A 288 -28.85 33.88 -42.04
N THR A 289 -29.34 32.71 -41.64
CA THR A 289 -28.89 31.46 -42.25
C THR A 289 -29.26 31.46 -43.73
N GLU A 290 -30.32 32.18 -44.06
CA GLU A 290 -30.73 32.24 -45.46
C GLU A 290 -29.66 32.96 -46.24
N LYS A 291 -29.16 34.06 -45.71
CA LYS A 291 -28.10 34.79 -46.41
C LYS A 291 -26.88 33.90 -46.59
N SER A 292 -26.65 33.00 -45.63
CA SER A 292 -25.53 32.07 -45.70
C SER A 292 -25.79 31.04 -46.79
N LYS A 293 -26.97 30.44 -46.77
CA LYS A 293 -27.33 29.44 -47.78
C LYS A 293 -27.23 30.09 -49.15
N GLU A 294 -27.74 31.32 -49.23
CA GLU A 294 -27.71 32.08 -50.46
C GLU A 294 -26.27 32.22 -50.93
N LEU A 295 -25.43 32.76 -50.06
CA LEU A 295 -24.04 32.91 -50.44
C LEU A 295 -23.40 31.55 -50.69
N ALA A 296 -23.78 30.55 -49.89
CA ALA A 296 -23.23 29.21 -49.99
C ALA A 296 -23.46 28.57 -51.35
N GLU A 297 -24.55 28.99 -52.00
CA GLU A 297 -24.89 28.50 -53.31
C GLU A 297 -23.96 29.13 -54.34
N ILE A 298 -23.60 30.41 -54.13
CA ILE A 298 -22.69 31.14 -55.03
C ILE A 298 -21.30 30.48 -54.97
N VAL A 299 -20.98 29.92 -53.81
CA VAL A 299 -19.68 29.27 -53.61
C VAL A 299 -19.63 27.93 -54.36
N VAL A 300 -20.73 27.18 -54.30
CA VAL A 300 -20.83 25.90 -55.00
C VAL A 300 -20.78 26.20 -56.51
N GLN A 301 -21.58 27.17 -56.93
CA GLN A 301 -21.61 27.54 -58.33
C GLN A 301 -20.18 27.95 -58.79
N ALA A 302 -19.44 28.61 -57.91
CA ALA A 302 -18.08 29.06 -58.23
C ALA A 302 -17.18 27.87 -58.50
N PHE A 303 -17.34 26.81 -57.71
CA PHE A 303 -16.55 25.62 -57.92
C PHE A 303 -17.01 24.87 -59.18
N LEU A 304 -18.33 24.81 -59.39
CA LEU A 304 -18.86 24.09 -60.53
C LEU A 304 -18.42 24.65 -61.89
N GLU A 305 -18.42 25.98 -62.01
CA GLU A 305 -18.04 26.63 -63.26
C GLU A 305 -16.54 26.56 -63.58
N ILE B 2 -5.00 20.88 17.98
CA ILE B 2 -4.80 20.27 16.67
C ILE B 2 -5.75 19.09 16.51
N ILE B 3 -6.34 18.94 15.34
CA ILE B 3 -7.27 17.84 15.13
C ILE B 3 -7.01 17.13 13.81
N PHE B 4 -6.71 15.83 13.88
CA PHE B 4 -6.48 15.04 12.68
C PHE B 4 -7.87 14.72 12.11
N SER B 5 -8.12 15.14 10.87
CA SER B 5 -9.42 14.94 10.24
C SER B 5 -9.45 14.04 9.01
N GLY B 6 -10.58 13.37 8.87
CA GLY B 6 -10.80 12.50 7.73
C GLY B 6 -11.63 13.33 6.76
N GLY B 7 -12.90 12.98 6.58
CA GLY B 7 -13.68 13.75 5.66
C GLY B 7 -15.15 13.73 6.00
N THR B 8 -15.50 12.90 6.97
CA THR B 8 -16.89 12.76 7.39
C THR B 8 -16.97 12.69 8.92
N GLY B 9 -16.42 11.62 9.48
CA GLY B 9 -16.43 11.43 10.91
C GLY B 9 -15.92 12.62 11.69
N THR B 10 -14.66 12.98 11.48
CA THR B 10 -14.07 14.11 12.19
C THR B 10 -14.76 15.44 11.88
N PRO B 11 -14.96 15.74 10.59
CA PRO B 11 -15.63 17.01 10.33
C PRO B 11 -16.96 17.11 11.07
N LYS B 12 -17.60 15.99 11.40
CA LYS B 12 -18.86 16.05 12.14
C LYS B 12 -18.59 16.48 13.58
N LEU B 13 -17.56 15.88 14.17
CA LEU B 13 -17.18 16.20 15.54
C LEU B 13 -16.76 17.66 15.57
N LEU B 14 -16.08 18.10 14.51
CA LEU B 14 -15.64 19.48 14.38
C LEU B 14 -16.87 20.41 14.30
N ASP B 15 -17.94 19.93 13.66
CA ASP B 15 -19.19 20.69 13.50
C ASP B 15 -19.72 21.12 14.86
N GLY B 16 -19.37 20.34 15.89
CA GLY B 16 -19.82 20.65 17.23
C GLY B 16 -18.71 21.33 18.01
N LEU B 17 -17.48 20.90 17.79
CA LEU B 17 -16.34 21.46 18.50
C LEU B 17 -16.15 22.94 18.16
N LYS B 18 -16.58 23.35 16.99
CA LYS B 18 -16.42 24.74 16.60
C LYS B 18 -17.50 25.62 17.24
N GLU B 19 -18.19 25.08 18.23
CA GLU B 19 -19.25 25.79 18.95
C GLU B 19 -18.85 25.88 20.44
N ILE B 20 -17.83 25.09 20.79
CA ILE B 20 -17.31 24.98 22.15
C ILE B 20 -16.11 25.88 22.37
N LEU B 21 -15.17 25.88 21.44
CA LEU B 21 -14.00 26.69 21.63
C LEU B 21 -13.94 27.77 20.57
N PRO B 22 -12.90 28.62 20.63
CA PRO B 22 -12.75 29.68 19.63
C PRO B 22 -12.07 29.11 18.38
N GLU B 23 -12.71 29.34 17.23
CA GLU B 23 -12.23 28.83 15.95
C GLU B 23 -10.76 29.05 15.65
N GLU B 24 -10.27 30.26 15.92
CA GLU B 24 -8.87 30.59 15.70
C GLU B 24 -7.96 29.60 16.41
N GLU B 25 -8.45 28.99 17.49
CA GLU B 25 -7.66 28.04 18.28
C GLU B 25 -7.77 26.61 17.78
N LEU B 26 -8.49 26.40 16.70
CA LEU B 26 -8.66 25.08 16.11
C LEU B 26 -7.86 24.92 14.82
N THR B 27 -6.79 24.13 14.86
CA THR B 27 -5.97 23.86 13.65
C THR B 27 -6.31 22.43 13.23
N VAL B 28 -6.69 22.23 11.98
CA VAL B 28 -7.05 20.88 11.53
C VAL B 28 -6.07 20.28 10.53
N VAL B 29 -5.44 19.16 10.90
CA VAL B 29 -4.51 18.49 9.99
C VAL B 29 -5.33 17.44 9.23
N VAL B 30 -5.68 17.78 8.00
CA VAL B 30 -6.51 16.94 7.13
C VAL B 30 -5.74 15.92 6.30
N ASN B 31 -6.36 14.77 6.10
CA ASN B 31 -5.78 13.69 5.32
C ASN B 31 -5.84 14.03 3.85
N THR B 32 -4.82 13.60 3.11
CA THR B 32 -4.74 13.87 1.68
C THR B 32 -4.48 12.63 0.85
N ALA B 33 -4.43 11.47 1.49
CA ALA B 33 -4.18 10.23 0.76
C ALA B 33 -5.34 9.92 -0.19
N GLU B 34 -6.44 10.65 -0.04
CA GLU B 34 -7.63 10.43 -0.88
C GLU B 34 -7.65 11.40 -2.06
N ASP B 35 -6.79 12.42 -2.01
CA ASP B 35 -6.68 13.40 -3.07
C ASP B 35 -6.53 12.69 -4.40
N LEU B 36 -6.98 13.36 -5.45
CA LEU B 36 -6.95 12.79 -6.77
C LEU B 36 -7.18 13.85 -7.81
N TRP B 37 -6.45 13.78 -8.92
CA TRP B 37 -6.67 14.75 -9.98
C TRP B 37 -7.75 14.24 -10.93
N VAL B 38 -8.86 14.97 -11.04
CA VAL B 38 -9.97 14.59 -11.91
C VAL B 38 -10.40 15.73 -12.83
N SER B 39 -10.56 15.39 -14.10
CA SER B 39 -10.96 16.35 -15.12
C SER B 39 -10.02 17.54 -15.09
N GLY B 40 -8.73 17.26 -15.18
CA GLY B 40 -7.74 18.32 -15.19
C GLY B 40 -7.58 19.16 -13.94
N ASN B 41 -8.14 18.71 -12.83
CA ASN B 41 -8.01 19.47 -11.59
C ASN B 41 -7.88 18.57 -10.36
N LEU B 42 -7.17 19.07 -9.36
CA LEU B 42 -6.95 18.36 -8.12
C LEU B 42 -8.09 18.51 -7.14
N ILE B 43 -8.62 17.38 -6.70
CA ILE B 43 -9.71 17.34 -5.74
C ILE B 43 -9.17 16.79 -4.42
N SER B 44 -9.46 17.46 -3.30
CA SER B 44 -9.04 16.99 -1.98
C SER B 44 -10.33 16.82 -1.24
N PRO B 45 -10.95 15.64 -1.40
CA PRO B 45 -12.23 15.33 -0.75
C PRO B 45 -12.26 15.71 0.72
N ASP B 46 -11.32 15.18 1.49
CA ASP B 46 -11.22 15.45 2.91
C ASP B 46 -11.01 16.95 3.15
N LEU B 47 -9.85 17.44 2.73
CA LEU B 47 -9.51 18.85 2.88
C LEU B 47 -10.66 19.78 2.52
N ASP B 48 -11.42 19.42 1.49
CA ASP B 48 -12.54 20.23 1.03
C ASP B 48 -13.73 20.23 1.99
N THR B 49 -14.14 19.05 2.42
CA THR B 49 -15.30 18.96 3.32
C THR B 49 -15.01 19.86 4.52
N VAL B 50 -13.79 19.84 5.02
CA VAL B 50 -13.46 20.68 6.16
C VAL B 50 -13.58 22.16 5.84
N LEU B 51 -13.06 22.57 4.69
CA LEU B 51 -13.16 23.96 4.24
C LEU B 51 -14.62 24.33 4.14
N TYR B 52 -15.40 23.45 3.52
CA TYR B 52 -16.84 23.65 3.31
C TYR B 52 -17.60 23.66 4.62
N LEU B 53 -17.13 22.87 5.58
CA LEU B 53 -17.79 22.78 6.88
C LEU B 53 -17.62 24.11 7.61
N PHE B 54 -16.39 24.60 7.64
CA PHE B 54 -16.12 25.86 8.28
C PHE B 54 -16.58 27.05 7.45
N SER B 55 -16.56 26.93 6.13
CA SER B 55 -17.01 28.06 5.34
C SER B 55 -18.53 28.10 5.31
N ASP B 56 -19.16 27.19 6.05
CA ASP B 56 -20.62 27.13 6.13
C ASP B 56 -21.36 26.87 4.81
N GLN B 57 -20.84 25.94 3.99
CA GLN B 57 -21.45 25.58 2.70
C GLN B 57 -21.50 24.07 2.45
N ILE B 58 -21.12 23.31 3.47
CA ILE B 58 -21.11 21.86 3.38
C ILE B 58 -22.52 21.30 3.28
N ASP B 59 -22.69 20.32 2.41
CA ASP B 59 -23.97 19.66 2.22
C ASP B 59 -24.12 18.65 3.35
N ARG B 60 -24.88 19.04 4.36
CA ARG B 60 -25.08 18.20 5.52
C ARG B 60 -25.90 16.96 5.27
N LYS B 61 -26.45 16.82 4.07
CA LYS B 61 -27.26 15.65 3.76
C LYS B 61 -26.39 14.44 3.49
N ARG B 62 -25.22 14.66 2.88
CA ARG B 62 -24.32 13.55 2.56
C ARG B 62 -22.94 13.79 3.14
N TRP B 63 -22.65 15.04 3.46
CA TRP B 63 -21.38 15.47 4.02
C TRP B 63 -20.20 15.47 3.06
N TRP B 64 -20.46 16.03 1.89
CA TRP B 64 -19.47 16.21 0.85
C TRP B 64 -20.11 17.12 -0.20
N GLY B 65 -19.30 18.03 -0.74
CA GLY B 65 -19.81 18.94 -1.73
C GLY B 65 -20.56 20.10 -1.13
N ILE B 66 -20.79 21.13 -1.94
CA ILE B 66 -21.48 22.31 -1.49
C ILE B 66 -22.98 22.12 -1.58
N GLU B 67 -23.71 22.70 -0.61
CA GLU B 67 -25.17 22.63 -0.55
C GLU B 67 -25.77 23.44 -1.71
N ASN B 68 -26.81 22.89 -2.33
CA ASN B 68 -27.50 23.52 -3.46
C ASN B 68 -26.55 23.84 -4.59
N ASP B 69 -25.60 22.96 -4.79
CA ASP B 69 -24.61 23.09 -5.83
C ASP B 69 -25.26 22.57 -7.09
N THR B 70 -25.07 23.30 -8.18
CA THR B 70 -25.63 22.89 -9.47
C THR B 70 -24.71 21.86 -10.11
N PHE B 71 -25.26 21.08 -11.04
CA PHE B 71 -24.48 20.07 -11.74
C PHE B 71 -24.55 20.16 -13.26
N GLY B 72 -24.22 21.34 -13.78
CA GLY B 72 -24.27 21.54 -15.22
C GLY B 72 -23.29 20.66 -15.98
N THR B 73 -22.01 20.98 -15.85
CA THR B 73 -20.97 20.24 -16.52
C THR B 73 -21.22 18.74 -16.32
N TYR B 74 -21.52 18.36 -15.10
CA TYR B 74 -21.75 16.95 -14.82
C TYR B 74 -22.90 16.38 -15.64
N GLU B 75 -24.09 16.93 -15.45
CA GLU B 75 -25.30 16.48 -16.14
C GLU B 75 -25.12 16.47 -17.65
N ARG B 76 -24.35 17.41 -18.18
CA ARG B 76 -24.14 17.45 -19.60
C ARG B 76 -23.36 16.21 -20.03
N LYS B 78 -23.28 13.51 -18.46
CA LYS B 78 -24.10 12.36 -18.15
C LYS B 78 -24.93 12.01 -19.38
N GLU B 79 -25.36 13.04 -20.10
CA GLU B 79 -26.15 12.87 -21.31
C GLU B 79 -25.30 12.17 -22.36
N LEU B 80 -24.05 12.61 -22.50
CA LEU B 80 -23.11 12.06 -23.46
C LEU B 80 -22.58 10.71 -23.01
N GLY B 81 -23.07 10.26 -21.86
CA GLY B 81 -22.66 8.97 -21.34
C GLY B 81 -21.21 8.81 -20.94
N ILE B 82 -20.69 9.80 -20.24
CA ILE B 82 -19.31 9.76 -19.79
C ILE B 82 -19.28 10.01 -18.30
N GLU B 83 -18.92 8.98 -17.52
CA GLU B 83 -18.85 9.11 -16.06
C GLU B 83 -17.57 9.84 -15.72
N GLU B 84 -17.70 10.88 -14.90
CA GLU B 84 -16.55 11.69 -14.53
C GLU B 84 -15.74 11.01 -13.43
N GLY B 85 -16.37 10.08 -12.71
CA GLY B 85 -15.65 9.40 -11.64
C GLY B 85 -16.35 9.67 -10.33
N LEU B 86 -16.91 10.87 -10.18
CA LEU B 86 -17.65 11.28 -8.98
C LEU B 86 -18.50 12.50 -9.32
N LYS B 87 -19.65 12.62 -8.66
CA LYS B 87 -20.54 13.75 -8.94
C LYS B 87 -19.86 15.06 -8.58
N LEU B 88 -19.52 15.86 -9.58
CA LEU B 88 -18.89 17.15 -9.31
C LEU B 88 -19.84 18.28 -9.63
N GLY B 89 -20.11 19.12 -8.65
CA GLY B 89 -20.98 20.25 -8.87
C GLY B 89 -20.21 21.42 -9.43
N ASP B 90 -20.93 22.42 -9.92
CA ASP B 90 -20.26 23.57 -10.49
C ASP B 90 -19.45 24.37 -9.49
N ARG B 91 -20.10 24.76 -8.39
CA ARG B 91 -19.45 25.52 -7.33
C ARG B 91 -18.32 24.70 -6.73
N ASP B 92 -18.54 23.40 -6.63
CA ASP B 92 -17.55 22.48 -6.08
C ASP B 92 -16.34 22.44 -7.03
N ARG B 93 -16.60 22.46 -8.35
CA ARG B 93 -15.52 22.39 -9.34
C ARG B 93 -14.64 23.63 -9.27
N ALA B 94 -15.24 24.73 -8.85
CA ALA B 94 -14.55 26.02 -8.71
C ALA B 94 -13.41 25.86 -7.71
N THR B 95 -13.66 25.11 -6.63
CA THR B 95 -12.65 24.86 -5.59
C THR B 95 -11.48 24.09 -6.20
N HIS B 96 -11.80 23.15 -7.08
CA HIS B 96 -10.79 22.32 -7.74
C HIS B 96 -9.90 23.11 -8.67
N ILE B 97 -10.52 24.04 -9.40
CA ILE B 97 -9.79 24.89 -10.33
C ILE B 97 -8.95 25.93 -9.58
N ILE B 98 -9.63 26.69 -8.72
CA ILE B 98 -8.98 27.72 -7.91
C ILE B 98 -7.73 27.17 -7.25
N ARG B 99 -7.84 25.96 -6.72
CA ARG B 99 -6.70 25.30 -6.08
C ARG B 99 -5.67 24.95 -7.13
N SER B 100 -6.08 24.08 -8.05
CA SER B 100 -5.21 23.61 -9.11
C SER B 100 -4.39 24.71 -9.78
N ASN B 101 -5.04 25.83 -10.10
CA ASN B 101 -4.31 26.92 -10.73
C ASN B 101 -3.13 27.27 -9.84
N ILE B 102 -3.42 27.61 -8.58
CA ILE B 102 -2.37 27.95 -7.65
C ILE B 102 -1.26 26.91 -7.64
N ILE B 103 -1.63 25.63 -7.72
CA ILE B 103 -0.64 24.55 -7.72
C ILE B 103 0.16 24.58 -9.03
N ARG B 104 -0.53 24.98 -10.10
CA ARG B 104 0.08 25.07 -11.42
C ARG B 104 1.11 26.19 -11.51
N ASP B 105 0.96 27.20 -10.65
CA ASP B 105 1.92 28.29 -10.62
C ASP B 105 3.09 28.06 -9.71
N GLY B 106 3.36 26.80 -9.39
CA GLY B 106 4.49 26.48 -8.53
C GLY B 106 4.19 26.40 -7.05
N ALA B 107 3.08 26.99 -6.63
CA ALA B 107 2.67 27.00 -5.22
C ALA B 107 2.36 25.59 -4.73
N SER B 108 2.27 25.41 -3.41
CA SER B 108 1.99 24.10 -2.86
C SER B 108 0.53 23.90 -2.52
N LEU B 109 0.20 22.70 -2.06
CA LEU B 109 -1.16 22.41 -1.70
C LEU B 109 -1.57 23.27 -0.52
N THR B 110 -0.68 23.38 0.48
CA THR B 110 -0.94 24.18 1.67
C THR B 110 -1.25 25.61 1.25
N ASP B 111 -0.45 26.13 0.32
CA ASP B 111 -0.62 27.48 -0.20
C ASP B 111 -2.06 27.67 -0.66
N SER B 112 -2.50 26.78 -1.54
CA SER B 112 -3.85 26.83 -2.08
C SER B 112 -4.88 26.74 -0.96
N THR B 113 -4.61 25.86 0.01
CA THR B 113 -5.50 25.66 1.15
C THR B 113 -5.66 26.99 1.89
N VAL B 114 -4.54 27.68 2.04
CA VAL B 114 -4.50 28.97 2.70
C VAL B 114 -5.38 29.94 1.94
N LYS B 115 -5.02 30.21 0.68
CA LYS B 115 -5.81 31.10 -0.15
C LYS B 115 -7.29 30.72 -0.14
N LEU B 116 -7.58 29.43 -0.15
CA LEU B 116 -8.98 29.02 -0.15
C LEU B 116 -9.63 29.40 1.16
N SER B 117 -8.87 29.30 2.25
CA SER B 117 -9.42 29.66 3.55
C SER B 117 -9.71 31.14 3.57
N SER B 118 -8.74 31.96 3.16
CA SER B 118 -8.98 33.40 3.17
C SER B 118 -10.15 33.80 2.27
N LEU B 119 -10.30 33.12 1.13
CA LEU B 119 -11.39 33.40 0.21
C LEU B 119 -12.76 33.09 0.81
N PHE B 120 -12.81 32.01 1.61
CA PHE B 120 -14.01 31.54 2.29
C PHE B 120 -14.15 32.21 3.66
N GLY B 121 -13.15 33.01 4.01
CA GLY B 121 -13.15 33.71 5.28
C GLY B 121 -13.35 32.83 6.49
N ILE B 122 -12.56 31.76 6.58
CA ILE B 122 -12.66 30.83 7.70
C ILE B 122 -11.56 31.09 8.71
N LYS B 123 -12.00 31.42 9.93
CA LYS B 123 -11.13 31.75 11.04
C LYS B 123 -10.24 30.61 11.50
N ALA B 124 -10.73 29.38 11.37
CA ALA B 124 -9.95 28.21 11.77
C ALA B 124 -8.72 28.09 10.90
N ASN B 125 -7.88 27.12 11.22
CA ASN B 125 -6.67 26.88 10.47
C ASN B 125 -6.62 25.47 9.91
N ILE B 126 -7.03 25.33 8.64
CA ILE B 126 -7.02 24.05 7.92
C ILE B 126 -5.66 23.84 7.25
N LEU B 127 -5.06 22.68 7.44
CA LEU B 127 -3.75 22.41 6.85
C LEU B 127 -3.61 20.98 6.39
N PRO B 128 -3.41 20.76 5.08
CA PRO B 128 -3.27 19.38 4.63
C PRO B 128 -2.10 18.72 5.35
N SER B 130 0.19 16.89 4.39
CA SER B 130 1.45 16.97 3.65
C SER B 130 1.29 17.51 2.23
N ASP B 131 2.32 18.19 1.77
CA ASP B 131 2.32 18.75 0.43
C ASP B 131 2.69 17.70 -0.62
N ASP B 132 3.39 16.66 -0.17
CA ASP B 132 3.82 15.58 -1.04
C ASP B 132 2.67 14.67 -1.41
N PRO B 133 2.76 14.03 -2.57
CA PRO B 133 1.74 13.11 -3.07
C PRO B 133 1.67 11.80 -2.28
N VAL B 134 0.45 11.41 -1.94
CA VAL B 134 0.22 10.17 -1.20
C VAL B 134 -1.12 9.66 -1.71
N SER B 135 -1.13 8.41 -2.19
CA SER B 135 -2.33 7.77 -2.72
C SER B 135 -2.66 6.45 -2.06
N THR B 136 -3.92 6.32 -1.65
CA THR B 136 -4.40 5.11 -1.01
C THR B 136 -4.94 4.16 -2.06
N TYR B 137 -4.27 3.03 -2.23
CA TYR B 137 -4.72 2.04 -3.19
C TYR B 137 -5.30 0.87 -2.42
N ILE B 138 -6.37 0.28 -2.94
CA ILE B 138 -7.01 -0.84 -2.28
C ILE B 138 -6.85 -2.15 -3.04
N GLU B 139 -6.01 -3.03 -2.48
CA GLU B 139 -5.75 -4.33 -3.08
C GLU B 139 -6.93 -5.26 -2.89
N THR B 140 -7.71 -5.45 -3.95
CA THR B 140 -8.88 -6.33 -3.87
C THR B 140 -8.63 -7.61 -4.67
N ALA B 141 -9.49 -8.61 -4.45
CA ALA B 141 -9.38 -9.89 -5.13
C ALA B 141 -9.64 -9.70 -6.63
N GLU B 142 -10.25 -8.56 -6.97
CA GLU B 142 -10.54 -8.23 -8.36
C GLU B 142 -9.32 -7.52 -8.97
N GLY B 143 -8.52 -6.88 -8.12
CA GLY B 143 -7.33 -6.20 -8.59
C GLY B 143 -7.01 -4.96 -7.77
N ILE B 144 -5.75 -4.54 -7.77
CA ILE B 144 -5.36 -3.35 -7.03
C ILE B 144 -5.89 -2.11 -7.74
N HIS B 146 -7.48 2.34 -7.01
CA HIS B 146 -7.46 3.51 -6.15
C HIS B 146 -8.73 3.55 -5.29
N PHE B 147 -8.60 4.06 -4.07
CA PHE B 147 -9.72 4.15 -3.14
C PHE B 147 -11.00 4.59 -3.83
N GLN B 148 -10.91 5.69 -4.56
CA GLN B 148 -12.06 6.24 -5.27
C GLN B 148 -12.77 5.23 -6.14
N ASP B 149 -11.99 4.47 -6.91
CA ASP B 149 -12.54 3.45 -7.80
C ASP B 149 -13.20 2.37 -6.99
N PHE B 150 -12.68 2.13 -5.79
CA PHE B 150 -13.22 1.11 -4.90
C PHE B 150 -14.48 1.57 -4.18
N TRP B 151 -14.38 2.66 -3.43
CA TRP B 151 -15.53 3.17 -2.69
C TRP B 151 -16.65 3.70 -3.59
N ILE B 152 -16.35 4.72 -4.38
CA ILE B 152 -17.37 5.30 -5.26
C ILE B 152 -17.58 4.46 -6.53
N GLY B 153 -16.49 4.15 -7.23
CA GLY B 153 -16.60 3.36 -8.45
C GLY B 153 -17.23 1.98 -8.30
N LYS B 154 -16.91 1.29 -7.22
CA LYS B 154 -17.45 -0.05 -6.99
C LYS B 154 -18.41 -0.13 -5.81
N ARG B 155 -18.80 1.02 -5.26
CA ARG B 155 -19.71 1.08 -4.13
C ARG B 155 -19.18 0.30 -2.95
N GLY B 156 -17.86 0.16 -2.89
CA GLY B 156 -17.23 -0.56 -1.80
C GLY B 156 -17.62 -2.02 -1.75
N GLU B 157 -18.00 -2.58 -2.90
CA GLU B 157 -18.41 -3.98 -3.04
C GLU B 157 -17.27 -5.01 -3.16
N PRO B 158 -16.18 -4.67 -3.88
CA PRO B 158 -15.07 -5.61 -4.03
C PRO B 158 -14.63 -6.25 -2.72
N ASP B 159 -13.95 -7.39 -2.81
CA ASP B 159 -13.47 -8.05 -1.62
C ASP B 159 -12.05 -7.58 -1.36
N VAL B 160 -11.89 -6.73 -0.33
CA VAL B 160 -10.57 -6.20 0.02
C VAL B 160 -9.65 -7.25 0.64
N ARG B 161 -8.40 -7.26 0.21
CA ARG B 161 -7.41 -8.20 0.70
C ARG B 161 -6.21 -7.43 1.24
N GLY B 162 -6.15 -6.15 0.92
CA GLY B 162 -5.04 -5.35 1.41
C GLY B 162 -5.22 -3.87 1.13
N VAL B 163 -4.44 -3.05 1.83
CA VAL B 163 -4.48 -1.61 1.63
C VAL B 163 -3.05 -1.15 1.44
N ASP B 164 -2.84 -0.33 0.41
CA ASP B 164 -1.52 0.20 0.09
C ASP B 164 -1.52 1.73 -0.02
N ILE B 165 -0.99 2.38 1.01
CA ILE B 165 -0.89 3.84 1.02
C ILE B 165 0.49 4.20 0.50
N ARG B 166 0.56 4.53 -0.78
CA ARG B 166 1.81 4.84 -1.44
C ARG B 166 2.35 6.26 -1.24
N GLY B 167 3.67 6.38 -1.17
CA GLY B 167 4.28 7.68 -1.01
C GLY B 167 4.39 8.24 0.39
N VAL B 168 3.56 7.71 1.30
CA VAL B 168 3.55 8.16 2.69
C VAL B 168 4.96 8.04 3.29
N SER B 169 5.76 7.12 2.74
CA SER B 169 7.13 6.91 3.23
C SER B 169 8.06 8.02 2.76
N GLU B 170 7.80 8.51 1.55
CA GLU B 170 8.59 9.57 0.92
C GLU B 170 7.93 10.94 1.13
N ALA B 171 6.76 10.94 1.75
CA ALA B 171 6.06 12.19 2.02
C ALA B 171 6.71 12.83 3.24
N SER B 172 6.47 14.13 3.42
CA SER B 172 7.04 14.86 4.54
C SER B 172 5.96 15.69 5.21
N ILE B 173 5.86 15.61 6.53
CA ILE B 173 4.87 16.39 7.26
C ILE B 173 4.93 17.88 6.87
N SER B 174 3.84 18.43 6.32
CA SER B 174 3.81 19.85 5.93
C SER B 174 4.51 20.74 6.94
N PRO B 175 5.45 21.58 6.48
CA PRO B 175 6.17 22.47 7.39
C PRO B 175 5.24 23.31 8.27
N LYS B 176 4.13 23.78 7.69
CA LYS B 176 3.15 24.58 8.44
C LYS B 176 2.56 23.75 9.59
N VAL B 177 2.35 22.45 9.35
CA VAL B 177 1.80 21.55 10.37
C VAL B 177 2.85 21.31 11.46
N LEU B 178 4.11 21.12 11.06
CA LEU B 178 5.19 20.92 12.02
C LEU B 178 5.30 22.16 12.90
N GLU B 179 5.20 23.32 12.27
CA GLU B 179 5.25 24.62 12.95
C GLU B 179 4.11 24.70 13.96
N ALA B 180 2.93 24.25 13.55
CA ALA B 180 1.75 24.26 14.42
C ALA B 180 1.99 23.38 15.64
N PHE B 181 2.56 22.19 15.43
CA PHE B 181 2.83 21.29 16.53
C PHE B 181 3.68 21.89 17.63
N GLU B 182 4.53 22.85 17.26
CA GLU B 182 5.41 23.49 18.23
C GLU B 182 4.61 24.18 19.33
N LYS B 183 3.69 25.04 18.92
CA LYS B 183 2.87 25.78 19.86
C LYS B 183 1.60 25.03 20.22
N GLU B 184 1.70 23.72 20.37
CA GLU B 184 0.52 22.92 20.71
C GLU B 184 0.88 21.65 21.44
N GLU B 185 -0.03 21.21 22.31
CA GLU B 185 0.18 20.00 23.08
C GLU B 185 -1.10 19.18 23.23
N ASN B 186 -2.16 19.65 22.59
CA ASN B 186 -3.44 18.94 22.64
C ASN B 186 -3.84 18.53 21.26
N ILE B 187 -3.78 17.24 20.98
CA ILE B 187 -4.14 16.77 19.66
C ILE B 187 -5.30 15.79 19.75
N LEU B 188 -6.34 16.03 18.97
CA LEU B 188 -7.52 15.18 18.94
C LEU B 188 -7.57 14.33 17.65
N ILE B 189 -7.87 13.04 17.77
CA ILE B 189 -7.97 12.14 16.61
C ILE B 189 -9.45 11.87 16.31
N GLY B 190 -10.08 12.81 15.59
CA GLY B 190 -11.48 12.67 15.23
C GLY B 190 -11.92 11.26 14.94
N PRO B 191 -13.23 10.96 15.04
CA PRO B 191 -13.72 9.61 14.77
C PRO B 191 -13.78 9.33 13.27
N SER B 192 -12.61 9.23 12.64
CA SER B 192 -12.52 8.93 11.21
C SER B 192 -11.70 7.66 10.97
N ASN B 193 -11.87 7.05 9.80
CA ASN B 193 -11.19 5.82 9.42
C ASN B 193 -9.77 5.81 9.93
N PRO B 194 -9.41 4.77 10.70
CA PRO B 194 -8.06 4.65 11.27
C PRO B 194 -6.99 4.21 10.28
N ILE B 195 -7.41 3.43 9.29
CA ILE B 195 -6.49 2.91 8.29
C ILE B 195 -6.20 3.89 7.15
N THR B 196 -7.26 4.37 6.52
CA THR B 196 -7.19 5.27 5.36
C THR B 196 -7.27 6.79 5.60
N SER B 197 -7.60 7.19 6.83
CA SER B 197 -7.69 8.62 7.17
C SER B 197 -6.64 9.02 8.20
N ILE B 198 -6.72 8.46 9.41
CA ILE B 198 -5.73 8.80 10.42
C ILE B 198 -4.41 8.12 10.05
N GLY B 199 -4.53 6.91 9.50
CA GLY B 199 -3.37 6.13 9.10
C GLY B 199 -2.32 6.94 8.37
N PRO B 200 -2.65 7.45 7.19
CA PRO B 200 -1.74 8.27 6.37
C PRO B 200 -1.07 9.40 7.17
N ILE B 201 -1.86 10.06 8.03
CA ILE B 201 -1.36 11.17 8.83
C ILE B 201 -0.34 10.74 9.86
N ILE B 202 -0.63 9.67 10.61
CA ILE B 202 0.27 9.18 11.64
C ILE B 202 1.43 8.35 11.05
N SER B 203 1.28 7.96 9.78
CA SER B 203 2.28 7.17 9.07
C SER B 203 3.38 8.04 8.49
N LEU B 204 3.13 9.35 8.39
CA LEU B 204 4.13 10.27 7.88
C LEU B 204 5.35 10.12 8.75
N PRO B 205 6.54 10.24 8.16
CA PRO B 205 7.78 10.13 8.92
C PRO B 205 7.89 11.20 9.99
N GLY B 206 8.12 10.73 11.22
CA GLY B 206 8.28 11.59 12.39
C GLY B 206 7.02 11.86 13.19
N ARG B 208 4.44 9.80 14.30
CA ARG B 208 4.25 8.90 15.43
C ARG B 208 5.13 9.30 16.60
N GLU B 209 6.36 9.73 16.33
CA GLU B 209 7.25 10.12 17.42
C GLU B 209 6.87 11.51 17.94
N LEU B 210 6.31 12.33 17.06
CA LEU B 210 5.90 13.67 17.43
C LEU B 210 4.63 13.62 18.29
N LEU B 211 3.75 12.67 17.98
CA LEU B 211 2.49 12.48 18.70
C LEU B 211 2.73 11.99 20.11
N LYS B 212 3.90 11.42 20.35
CA LYS B 212 4.14 10.95 21.69
C LYS B 212 4.30 12.13 22.65
N LYS B 213 5.07 13.13 22.24
CA LYS B 213 5.31 14.31 23.08
C LYS B 213 4.09 15.22 23.29
N LYS B 214 2.91 14.74 22.93
CA LYS B 214 1.70 15.55 23.07
C LYS B 214 0.60 14.74 23.73
N LYS B 215 -0.39 15.44 24.28
CA LYS B 215 -1.54 14.79 24.92
C LYS B 215 -2.52 14.43 23.83
N VAL B 216 -2.64 13.14 23.54
CA VAL B 216 -3.51 12.66 22.48
C VAL B 216 -4.84 12.05 22.94
N VAL B 217 -5.94 12.65 22.51
CA VAL B 217 -7.27 12.15 22.84
C VAL B 217 -7.85 11.64 21.53
N ALA B 218 -8.56 10.51 21.58
CA ALA B 218 -9.15 9.96 20.38
C ALA B 218 -10.60 9.51 20.61
N VAL B 219 -11.44 9.68 19.58
CA VAL B 219 -12.84 9.27 19.64
C VAL B 219 -13.03 8.07 18.69
N SER B 220 -13.33 6.91 19.25
CA SER B 220 -13.51 5.68 18.46
C SER B 220 -14.46 5.85 17.28
N PRO B 221 -14.00 5.49 16.06
CA PRO B 221 -14.82 5.61 14.86
C PRO B 221 -15.69 4.36 14.69
N ILE B 222 -15.53 3.43 15.62
CA ILE B 222 -16.26 2.17 15.59
C ILE B 222 -17.28 2.03 16.72
N ILE B 223 -18.55 1.88 16.34
CA ILE B 223 -19.62 1.72 17.30
C ILE B 223 -20.11 0.29 17.19
N GLY B 224 -19.54 -0.59 18.01
CA GLY B 224 -19.93 -1.98 17.97
C GLY B 224 -18.85 -2.79 17.29
N ASN B 225 -19.25 -3.52 16.25
CA ASN B 225 -18.36 -4.37 15.47
C ASN B 225 -18.14 -3.78 14.09
N ALA B 226 -18.76 -2.63 13.83
CA ALA B 226 -18.64 -1.99 12.53
C ALA B 226 -18.70 -0.48 12.69
N PRO B 227 -18.17 0.26 11.70
CA PRO B 227 -18.14 1.73 11.69
C PRO B 227 -19.52 2.30 11.37
N VAL B 228 -19.75 3.56 11.76
CA VAL B 228 -21.03 4.24 11.51
C VAL B 228 -21.21 4.42 10.02
N SER B 229 -20.11 4.38 9.29
CA SER B 229 -20.15 4.52 7.84
C SER B 229 -18.78 4.24 7.26
N GLY B 230 -18.69 4.31 5.94
CA GLY B 230 -17.41 4.08 5.30
C GLY B 230 -17.05 2.62 5.23
N PRO B 231 -16.04 2.30 4.44
CA PRO B 231 -15.58 0.93 4.27
C PRO B 231 -14.57 0.49 5.33
N ALA B 232 -14.57 1.16 6.49
CA ALA B 232 -13.62 0.79 7.53
C ALA B 232 -13.86 -0.64 7.98
N GLY B 233 -15.05 -1.16 7.66
CA GLY B 233 -15.39 -2.52 8.05
C GLY B 233 -14.64 -3.59 7.28
N LYS B 234 -14.28 -3.29 6.03
CA LYS B 234 -13.56 -4.24 5.19
C LYS B 234 -12.08 -3.96 5.23
N LEU B 235 -11.73 -2.69 5.25
CA LEU B 235 -10.34 -2.30 5.25
C LEU B 235 -9.62 -2.75 6.50
N PRO B 237 -10.13 -5.07 9.00
CA PRO B 237 -9.80 -6.48 9.19
C PRO B 237 -8.75 -6.93 8.18
N ALA B 238 -9.04 -6.71 6.91
CA ALA B 238 -8.15 -7.10 5.82
C ALA B 238 -6.78 -6.44 5.94
N CYS B 239 -6.62 -5.66 7.01
CA CYS B 239 -5.40 -4.93 7.25
C CYS B 239 -4.69 -5.43 8.51
N GLY B 240 -5.38 -6.27 9.26
CA GLY B 240 -4.84 -6.82 10.49
C GLY B 240 -5.57 -6.40 11.75
N ILE B 241 -5.97 -5.14 11.80
CA ILE B 241 -6.69 -4.58 12.95
C ILE B 241 -8.10 -5.15 13.01
N GLU B 242 -8.56 -5.43 14.23
CA GLU B 242 -9.90 -5.99 14.44
C GLU B 242 -10.91 -4.86 14.55
N VAL B 243 -12.02 -4.98 13.81
CA VAL B 243 -13.04 -3.95 13.80
C VAL B 243 -13.76 -3.81 15.13
N SER B 244 -13.17 -3.02 16.03
CA SER B 244 -13.74 -2.80 17.35
C SER B 244 -13.13 -1.58 18.02
N SER B 245 -13.89 -0.97 18.91
CA SER B 245 -13.41 0.20 19.63
C SER B 245 -12.12 -0.20 20.32
N GLY B 247 -9.87 -2.37 18.93
CA GLY B 247 -8.83 -2.42 17.95
C GLY B 247 -8.31 -1.03 17.68
N VAL B 248 -9.24 -0.09 17.49
CA VAL B 248 -8.87 1.29 17.22
C VAL B 248 -7.92 1.81 18.25
N ALA B 249 -8.20 1.49 19.50
CA ALA B 249 -7.36 1.93 20.61
C ALA B 249 -5.99 1.29 20.50
N GLU B 250 -5.93 0.02 20.14
CA GLU B 250 -4.62 -0.63 20.02
C GLU B 250 -3.81 -0.03 18.91
N TYR B 251 -4.49 0.44 17.86
CA TYR B 251 -3.84 1.03 16.69
C TYR B 251 -3.02 2.27 17.02
N TYR B 252 -3.58 3.12 17.88
CA TYR B 252 -2.89 4.33 18.28
C TYR B 252 -2.22 4.12 19.63
N GLN B 253 -2.14 2.85 20.01
CA GLN B 253 -1.54 2.42 21.27
C GLN B 253 -0.17 3.04 21.58
N ASP B 254 0.55 3.44 20.55
CA ASP B 254 1.87 4.04 20.73
C ASP B 254 1.85 5.48 21.22
N PHE B 255 0.70 6.15 21.14
CA PHE B 255 0.59 7.55 21.55
C PHE B 255 -0.74 7.94 22.17
N LEU B 256 -1.75 7.11 21.99
CA LEU B 256 -3.08 7.38 22.52
C LEU B 256 -3.07 7.46 24.03
N ASP B 257 -3.44 8.62 24.58
CA ASP B 257 -3.49 8.81 26.02
C ASP B 257 -4.92 8.70 26.53
N VAL B 258 -5.86 9.38 25.91
CA VAL B 258 -7.25 9.32 26.34
C VAL B 258 -8.11 8.81 25.20
N PHE B 259 -8.85 7.74 25.44
CA PHE B 259 -9.72 7.20 24.41
C PHE B 259 -11.18 7.50 24.79
N VAL B 260 -12.08 7.56 23.82
CA VAL B 260 -13.49 7.85 24.08
C VAL B 260 -14.34 7.08 23.08
N PHE B 261 -14.85 5.91 23.48
CA PHE B 261 -15.69 5.11 22.60
C PHE B 261 -17.16 5.27 22.94
N ASP B 262 -18.02 4.64 22.16
CA ASP B 262 -19.45 4.77 22.40
C ASP B 262 -19.87 4.00 23.63
N GLU B 263 -20.99 4.41 24.20
CA GLU B 263 -21.54 3.78 25.40
C GLU B 263 -22.16 2.42 25.08
N ARG B 264 -22.70 2.27 23.87
CA ARG B 264 -23.28 1.00 23.47
C ARG B 264 -22.26 -0.12 23.53
N ASP B 265 -20.98 0.22 23.74
CA ASP B 265 -19.97 -0.82 23.77
C ASP B 265 -19.22 -0.87 25.11
N ARG B 266 -19.84 -0.43 26.19
CA ARG B 266 -19.16 -0.45 27.49
C ARG B 266 -18.25 -1.68 27.58
N ALA B 267 -16.95 -1.45 27.63
CA ALA B 267 -15.98 -2.54 27.68
C ALA B 267 -15.06 -2.47 28.88
N ASP B 268 -14.23 -3.50 29.02
CA ASP B 268 -13.28 -3.63 30.13
C ASP B 268 -12.51 -2.34 30.33
N GLU B 269 -12.57 -1.85 31.56
CA GLU B 269 -11.87 -0.63 31.93
C GLU B 269 -10.38 -0.93 32.07
N PHE B 270 -10.07 -2.05 32.72
CA PHE B 270 -8.69 -2.46 32.94
C PHE B 270 -8.05 -2.92 31.62
N ALA B 271 -8.89 -3.34 30.68
CA ALA B 271 -8.38 -3.78 29.39
C ALA B 271 -7.67 -2.59 28.77
N PHE B 272 -8.37 -1.47 28.66
CA PHE B 272 -7.80 -0.25 28.07
C PHE B 272 -6.54 0.16 28.80
N GLU B 273 -6.54 -0.02 30.11
CA GLU B 273 -5.39 0.33 30.94
C GLU B 273 -4.14 -0.39 30.44
N ARG B 274 -4.29 -1.65 30.05
CA ARG B 274 -3.16 -2.45 29.56
C ARG B 274 -2.53 -1.80 28.34
N LEU B 275 -3.33 -1.03 27.60
CA LEU B 275 -2.89 -0.31 26.41
C LEU B 275 -2.26 1.01 26.82
N GLY B 276 -2.55 1.45 28.04
CA GLY B 276 -1.98 2.70 28.53
C GLY B 276 -2.75 3.95 28.17
N CYS B 277 -4.08 3.81 28.11
CA CYS B 277 -4.95 4.93 27.77
C CYS B 277 -6.19 5.00 28.66
N HIS B 278 -6.64 6.21 28.96
CA HIS B 278 -7.84 6.36 29.77
C HIS B 278 -9.07 6.23 28.90
N ALA B 279 -9.81 5.14 29.07
CA ALA B 279 -11.02 4.94 28.28
C ALA B 279 -12.13 5.84 28.79
N SER B 280 -13.32 5.70 28.22
CA SER B 280 -14.46 6.52 28.60
C SER B 280 -15.57 6.36 27.55
N ARG B 281 -16.74 5.89 27.96
CA ARG B 281 -17.86 5.69 27.02
C ARG B 281 -18.63 7.01 26.89
N ALA B 282 -19.45 7.16 25.85
CA ALA B 282 -20.23 8.39 25.64
C ALA B 282 -21.05 8.23 24.40
N ASP B 283 -22.06 9.08 24.21
CA ASP B 283 -22.88 8.99 23.02
C ASP B 283 -22.12 9.64 21.86
N THR B 284 -21.54 8.82 20.97
CA THR B 284 -20.76 9.32 19.83
C THR B 284 -21.53 9.35 18.52
N LEU B 285 -22.75 8.80 18.50
CA LEU B 285 -23.55 8.80 17.29
C LEU B 285 -24.10 10.20 17.06
N THR B 287 -26.02 12.65 15.64
CA THR B 287 -27.20 12.74 14.82
C THR B 287 -27.67 14.15 14.55
N SER B 288 -26.85 15.14 14.90
CA SER B 288 -27.22 16.54 14.72
C SER B 288 -26.12 17.39 15.31
N THR B 289 -26.09 18.65 14.91
CA THR B 289 -25.05 19.54 15.42
C THR B 289 -25.03 19.50 16.94
N GLU B 290 -26.20 19.34 17.57
CA GLU B 290 -26.29 19.29 19.02
C GLU B 290 -25.55 18.09 19.57
N LYS B 291 -25.72 16.95 18.93
CA LYS B 291 -25.02 15.76 19.39
C LYS B 291 -23.53 15.95 19.18
N SER B 292 -23.16 16.64 18.10
CA SER B 292 -21.76 16.91 17.80
C SER B 292 -21.25 17.83 18.89
N LYS B 293 -22.06 18.83 19.23
CA LYS B 293 -21.72 19.79 20.27
C LYS B 293 -21.65 19.07 21.62
N GLU B 294 -22.61 18.19 21.87
CA GLU B 294 -22.66 17.43 23.10
C GLU B 294 -21.43 16.51 23.30
N LEU B 295 -21.03 15.83 22.23
CA LEU B 295 -19.87 14.95 22.28
C LEU B 295 -18.58 15.78 22.33
N ALA B 296 -18.59 16.92 21.63
CA ALA B 296 -17.44 17.82 21.60
C ALA B 296 -17.12 18.30 23.01
N GLU B 297 -18.15 18.61 23.81
CA GLU B 297 -17.95 19.05 25.19
C GLU B 297 -17.30 17.92 26.00
N ILE B 298 -17.73 16.68 25.73
CA ILE B 298 -17.19 15.51 26.40
C ILE B 298 -15.70 15.43 26.08
N VAL B 299 -15.36 15.75 24.82
CA VAL B 299 -13.98 15.73 24.35
C VAL B 299 -13.18 16.86 24.97
N VAL B 300 -13.68 18.08 24.90
CA VAL B 300 -12.97 19.20 25.49
C VAL B 300 -12.68 18.89 26.97
N GLN B 301 -13.61 18.20 27.64
CA GLN B 301 -13.39 17.84 29.04
C GLN B 301 -12.31 16.77 29.17
N ALA B 302 -12.28 15.81 28.25
CA ALA B 302 -11.28 14.75 28.29
C ALA B 302 -9.90 15.36 28.39
N PHE B 303 -9.62 16.37 27.56
CA PHE B 303 -8.33 17.06 27.58
C PHE B 303 -8.12 17.70 28.93
N LEU B 304 -9.12 18.48 29.38
CA LEU B 304 -9.04 19.19 30.65
C LEU B 304 -8.71 18.29 31.83
N GLU B 305 -9.31 17.11 31.89
CA GLU B 305 -9.04 16.18 33.00
C GLU B 305 -7.62 15.62 33.00
N ILE C 2 6.69 -12.79 -17.19
CA ILE C 2 6.19 -13.55 -16.06
C ILE C 2 6.60 -15.02 -16.16
N ILE C 3 7.16 -15.56 -15.09
CA ILE C 3 7.61 -16.94 -15.07
C ILE C 3 7.01 -17.74 -13.94
N PHE C 4 6.24 -18.78 -14.25
CA PHE C 4 5.63 -19.65 -13.25
C PHE C 4 6.72 -20.61 -12.77
N SER C 5 7.02 -20.60 -11.47
CA SER C 5 8.09 -21.45 -10.96
C SER C 5 7.73 -22.42 -9.85
N GLY C 6 8.53 -23.47 -9.76
CA GLY C 6 8.37 -24.48 -8.73
C GLY C 6 9.48 -24.24 -7.74
N GLY C 7 10.34 -25.22 -7.49
CA GLY C 7 11.42 -25.00 -6.55
C GLY C 7 12.73 -25.59 -6.99
N THR C 8 12.77 -26.10 -8.22
CA THR C 8 13.99 -26.70 -8.77
C THR C 8 14.05 -26.53 -10.28
N GLY C 9 13.16 -27.20 -11.00
CA GLY C 9 13.17 -27.10 -12.44
C GLY C 9 13.18 -25.68 -12.98
N THR C 10 12.21 -24.86 -12.59
CA THR C 10 12.15 -23.50 -13.10
C THR C 10 13.25 -22.61 -12.59
N PRO C 11 13.52 -22.65 -11.29
CA PRO C 11 14.59 -21.78 -10.83
C PRO C 11 15.91 -22.10 -11.55
N LYS C 12 16.00 -23.29 -12.14
CA LYS C 12 17.20 -23.66 -12.87
C LYS C 12 17.20 -22.91 -14.20
N LEU C 13 16.03 -22.81 -14.81
CA LEU C 13 15.92 -22.09 -16.08
C LEU C 13 16.08 -20.59 -15.85
N LEU C 14 15.73 -20.14 -14.64
CA LEU C 14 15.85 -18.72 -14.28
C LEU C 14 17.33 -18.41 -14.09
N ASP C 15 18.04 -19.36 -13.48
CA ASP C 15 19.46 -19.19 -13.23
C ASP C 15 20.16 -18.81 -14.53
N GLY C 16 19.56 -19.13 -15.67
CA GLY C 16 20.16 -18.79 -16.94
C GLY C 16 19.42 -17.63 -17.56
N LEU C 17 18.10 -17.66 -17.45
CA LEU C 17 17.28 -16.61 -18.01
C LEU C 17 17.68 -15.23 -17.49
N LYS C 18 18.25 -15.19 -16.29
CA LYS C 18 18.64 -13.90 -15.69
C LYS C 18 20.00 -13.40 -16.20
N GLU C 19 20.51 -14.05 -17.25
CA GLU C 19 21.76 -13.65 -17.87
C GLU C 19 21.44 -13.11 -19.26
N ILE C 20 20.21 -13.36 -19.74
CA ILE C 20 19.72 -12.97 -21.08
C ILE C 20 18.92 -11.67 -21.04
N LEU C 21 18.09 -11.50 -20.03
CA LEU C 21 17.28 -10.31 -19.96
C LEU C 21 17.64 -9.55 -18.70
N PRO C 22 17.13 -8.32 -18.58
CA PRO C 22 17.43 -7.54 -17.40
C PRO C 22 16.53 -8.02 -16.26
N GLU C 23 17.15 -8.33 -15.13
CA GLU C 23 16.45 -8.85 -13.97
C GLU C 23 15.16 -8.14 -13.59
N GLU C 24 15.23 -6.82 -13.52
CA GLU C 24 14.09 -5.98 -13.17
C GLU C 24 12.90 -6.36 -13.99
N GLU C 25 13.15 -6.86 -15.20
CA GLU C 25 12.07 -7.26 -16.10
C GLU C 25 11.49 -8.63 -15.80
N LEU C 26 12.20 -9.43 -14.99
CA LEU C 26 11.74 -10.77 -14.63
C LEU C 26 10.83 -10.79 -13.39
N THR C 27 9.60 -11.25 -13.53
CA THR C 27 8.67 -11.36 -12.39
C THR C 27 8.35 -12.85 -12.23
N VAL C 28 8.74 -13.44 -11.10
CA VAL C 28 8.50 -14.86 -10.90
C VAL C 28 7.30 -15.16 -10.03
N VAL C 29 6.32 -15.88 -10.54
CA VAL C 29 5.15 -16.21 -9.73
C VAL C 29 5.39 -17.62 -9.20
N VAL C 30 5.87 -17.72 -7.96
CA VAL C 30 6.18 -18.99 -7.35
C VAL C 30 4.99 -19.74 -6.73
N ASN C 31 5.13 -21.06 -6.63
CA ASN C 31 4.10 -21.90 -6.08
C ASN C 31 4.22 -21.91 -4.57
N THR C 32 3.09 -21.96 -3.88
CA THR C 32 3.12 -21.96 -2.42
C THR C 32 2.29 -23.10 -1.87
N ALA C 33 1.93 -24.04 -2.73
CA ALA C 33 1.14 -25.16 -2.25
C ALA C 33 2.03 -26.10 -1.42
N GLU C 34 3.34 -25.89 -1.46
CA GLU C 34 4.27 -26.75 -0.71
C GLU C 34 4.58 -26.10 0.65
N ASP C 35 4.13 -24.86 0.81
CA ASP C 35 4.35 -24.11 2.05
C ASP C 35 3.92 -24.93 3.24
N LEU C 36 4.65 -24.81 4.33
CA LEU C 36 4.35 -25.59 5.51
C LEU C 36 4.91 -24.93 6.74
N TRP C 37 4.14 -24.92 7.82
CA TRP C 37 4.65 -24.34 9.07
C TRP C 37 5.40 -25.40 9.86
N VAL C 38 6.73 -25.28 9.87
CA VAL C 38 7.59 -26.22 10.57
C VAL C 38 8.37 -25.55 11.67
N SER C 39 8.25 -26.13 12.86
CA SER C 39 8.93 -25.64 14.04
C SER C 39 8.61 -24.17 14.31
N GLY C 40 7.31 -23.85 14.30
CA GLY C 40 6.88 -22.49 14.57
C GLY C 40 7.21 -21.43 13.53
N ASN C 41 7.43 -21.86 12.30
CA ASN C 41 7.74 -20.90 11.26
C ASN C 41 7.35 -21.43 9.90
N LEU C 42 6.84 -20.54 9.07
CA LEU C 42 6.41 -20.86 7.72
C LEU C 42 7.59 -20.99 6.77
N ILE C 43 7.59 -22.09 6.03
CA ILE C 43 8.63 -22.41 5.07
C ILE C 43 8.02 -22.38 3.67
N SER C 44 8.69 -21.76 2.71
CA SER C 44 8.19 -21.75 1.35
C SER C 44 9.32 -22.31 0.50
N PRO C 45 9.43 -23.64 0.47
CA PRO C 45 10.49 -24.29 -0.29
C PRO C 45 10.66 -23.72 -1.71
N ASP C 46 9.54 -23.40 -2.35
CA ASP C 46 9.60 -22.86 -3.71
C ASP C 46 9.99 -21.40 -3.69
N LEU C 47 9.28 -20.60 -2.90
CA LEU C 47 9.59 -19.19 -2.78
C LEU C 47 11.02 -18.94 -2.33
N ASP C 48 11.52 -19.76 -1.41
CA ASP C 48 12.89 -19.62 -0.89
C ASP C 48 13.96 -19.98 -1.90
N THR C 49 13.72 -21.04 -2.66
CA THR C 49 14.71 -21.45 -3.64
C THR C 49 14.89 -20.29 -4.61
N VAL C 50 13.78 -19.70 -5.05
CA VAL C 50 13.82 -18.57 -5.97
C VAL C 50 14.50 -17.34 -5.36
N LEU C 51 14.10 -16.98 -4.13
CA LEU C 51 14.70 -15.85 -3.41
C LEU C 51 16.23 -16.03 -3.29
N TYR C 52 16.66 -17.26 -3.01
CA TYR C 52 18.08 -17.63 -2.87
C TYR C 52 18.81 -17.69 -4.21
N LEU C 53 18.09 -18.14 -5.24
CA LEU C 53 18.67 -18.25 -6.57
C LEU C 53 19.06 -16.87 -6.98
N PHE C 54 18.15 -15.92 -6.80
CA PHE C 54 18.48 -14.55 -7.16
C PHE C 54 19.37 -13.89 -6.13
N SER C 55 19.06 -14.03 -4.85
CA SER C 55 19.90 -13.41 -3.84
C SER C 55 21.32 -13.97 -3.91
N ASP C 56 21.52 -14.97 -4.76
CA ASP C 56 22.83 -15.58 -4.97
C ASP C 56 23.44 -16.36 -3.80
N GLN C 57 22.61 -17.20 -3.18
CA GLN C 57 23.05 -18.01 -2.05
C GLN C 57 22.44 -19.41 -2.07
N ILE C 58 21.81 -19.76 -3.19
CA ILE C 58 21.21 -21.07 -3.33
C ILE C 58 22.29 -22.15 -3.41
N ASP C 59 22.11 -23.21 -2.65
CA ASP C 59 23.04 -24.34 -2.64
C ASP C 59 22.82 -25.07 -3.95
N ARG C 60 23.71 -24.84 -4.91
CA ARG C 60 23.56 -25.45 -6.21
C ARG C 60 23.80 -26.93 -6.25
N LYS C 61 24.35 -27.49 -5.17
CA LYS C 61 24.62 -28.92 -5.17
C LYS C 61 23.32 -29.71 -5.06
N ARG C 62 22.37 -29.23 -4.27
CA ARG C 62 21.07 -29.90 -4.06
C ARG C 62 19.90 -29.07 -4.56
N TRP C 63 20.15 -27.77 -4.76
CA TRP C 63 19.14 -26.83 -5.21
C TRP C 63 18.01 -26.55 -4.23
N TRP C 64 18.38 -26.40 -2.96
CA TRP C 64 17.45 -26.06 -1.88
C TRP C 64 18.32 -25.64 -0.70
N GLY C 65 17.82 -24.70 0.10
CA GLY C 65 18.59 -24.23 1.24
C GLY C 65 19.75 -23.35 0.82
N ILE C 66 20.40 -22.73 1.79
CA ILE C 66 21.53 -21.84 1.54
C ILE C 66 22.85 -22.58 1.44
N GLU C 67 23.79 -22.00 0.70
CA GLU C 67 25.13 -22.56 0.51
C GLU C 67 25.96 -22.37 1.78
N ASN C 68 26.72 -23.40 2.16
CA ASN C 68 27.57 -23.39 3.35
C ASN C 68 26.79 -23.01 4.60
N ASP C 69 25.53 -23.41 4.62
CA ASP C 69 24.67 -23.10 5.75
C ASP C 69 24.94 -24.07 6.88
N THR C 70 25.03 -23.55 8.10
CA THR C 70 25.29 -24.39 9.26
C THR C 70 24.00 -25.03 9.78
N PHE C 71 24.15 -26.10 10.56
CA PHE C 71 22.99 -26.79 11.13
C PHE C 71 23.03 -26.95 12.64
N GLY C 72 23.34 -25.86 13.33
CA GLY C 72 23.40 -25.90 14.79
C GLY C 72 22.17 -26.48 15.45
N THR C 73 21.04 -25.79 15.29
CA THR C 73 19.77 -26.21 15.88
C THR C 73 19.40 -27.60 15.35
N TYR C 74 19.54 -27.81 14.06
CA TYR C 74 19.18 -29.09 13.50
C TYR C 74 19.96 -30.23 14.15
N GLU C 75 21.28 -30.18 14.05
CA GLU C 75 22.15 -31.22 14.60
C GLU C 75 21.95 -31.48 16.09
N ARG C 76 21.61 -30.44 16.83
CA ARG C 76 21.38 -30.59 18.25
C ARG C 76 20.18 -31.53 18.46
N LYS C 78 19.01 -33.61 16.37
CA LYS C 78 19.33 -34.91 15.81
C LYS C 78 19.94 -35.72 16.94
N GLU C 79 20.71 -35.07 17.79
CA GLU C 79 21.33 -35.77 18.90
C GLU C 79 20.23 -36.31 19.80
N LEU C 80 19.31 -35.44 20.20
CA LEU C 80 18.21 -35.83 21.08
C LEU C 80 17.19 -36.70 20.37
N GLY C 81 17.46 -36.97 19.10
CA GLY C 81 16.58 -37.81 18.33
C GLY C 81 15.22 -37.19 18.07
N ILE C 82 15.21 -36.06 17.41
CA ILE C 82 13.95 -35.43 17.10
C ILE C 82 14.01 -34.89 15.67
N GLU C 83 13.48 -35.66 14.73
CA GLU C 83 13.49 -35.25 13.33
C GLU C 83 12.61 -34.01 13.19
N GLU C 84 13.18 -32.93 12.64
CA GLU C 84 12.42 -31.71 12.50
C GLU C 84 11.49 -31.81 11.29
N GLY C 85 11.70 -32.85 10.49
CA GLY C 85 10.87 -33.03 9.32
C GLY C 85 11.68 -32.80 8.06
N LEU C 86 12.66 -31.91 8.15
CA LEU C 86 13.56 -31.57 7.05
C LEU C 86 14.80 -30.89 7.57
N LYS C 87 15.93 -31.07 6.89
CA LYS C 87 17.17 -30.47 7.34
C LYS C 87 17.13 -28.93 7.24
N LEU C 88 16.84 -28.26 8.36
CA LEU C 88 16.79 -26.80 8.36
C LEU C 88 18.10 -26.20 8.83
N GLY C 89 18.74 -25.46 7.95
CA GLY C 89 19.99 -24.83 8.32
C GLY C 89 19.72 -23.60 9.15
N ASP C 90 20.75 -23.03 9.74
CA ASP C 90 20.57 -21.87 10.57
C ASP C 90 20.26 -20.60 9.79
N ARG C 91 21.00 -20.36 8.71
CA ARG C 91 20.80 -19.18 7.89
C ARG C 91 19.46 -19.27 7.19
N ASP C 92 19.07 -20.51 6.91
CA ASP C 92 17.81 -20.81 6.24
C ASP C 92 16.65 -20.48 7.19
N ARG C 93 16.79 -20.92 8.44
CA ARG C 93 15.75 -20.70 9.45
C ARG C 93 15.44 -19.22 9.63
N ALA C 94 16.47 -18.39 9.52
CA ALA C 94 16.34 -16.94 9.65
C ALA C 94 15.26 -16.42 8.68
N THR C 95 15.24 -17.00 7.48
CA THR C 95 14.27 -16.62 6.44
C THR C 95 12.88 -16.98 6.92
N HIS C 96 12.76 -18.16 7.53
CA HIS C 96 11.48 -18.64 8.04
C HIS C 96 10.97 -17.72 9.14
N ILE C 97 11.88 -17.28 10.01
CA ILE C 97 11.51 -16.40 11.11
C ILE C 97 11.18 -15.01 10.60
N ILE C 98 12.13 -14.37 9.93
CA ILE C 98 11.90 -13.04 9.36
C ILE C 98 10.54 -12.97 8.68
N ARG C 99 10.22 -13.99 7.90
CA ARG C 99 8.94 -14.08 7.21
C ARG C 99 7.79 -14.26 8.19
N SER C 100 7.90 -15.31 9.00
CA SER C 100 6.88 -15.63 9.97
C SER C 100 6.53 -14.47 10.88
N ASN C 101 7.54 -13.75 11.36
CA ASN C 101 7.28 -12.61 12.22
C ASN C 101 6.40 -11.62 11.51
N ILE C 102 6.78 -11.29 10.28
CA ILE C 102 6.00 -10.37 9.49
C ILE C 102 4.55 -10.83 9.39
N ILE C 103 4.35 -12.12 9.08
CA ILE C 103 3.01 -12.70 8.98
C ILE C 103 2.30 -12.54 10.32
N ARG C 104 3.06 -12.66 11.42
CA ARG C 104 2.51 -12.53 12.77
C ARG C 104 1.90 -11.15 13.01
N ASP C 105 2.54 -10.12 12.45
CA ASP C 105 2.06 -8.75 12.58
C ASP C 105 0.92 -8.40 11.66
N GLY C 106 0.24 -9.41 11.14
CA GLY C 106 -0.89 -9.18 10.26
C GLY C 106 -0.58 -9.13 8.78
N ALA C 107 0.68 -8.88 8.43
CA ALA C 107 1.10 -8.81 7.04
C ALA C 107 0.88 -10.16 6.37
N SER C 108 0.94 -10.18 5.05
CA SER C 108 0.71 -11.40 4.27
C SER C 108 2.00 -11.99 3.77
N LEU C 109 1.87 -13.11 3.07
CA LEU C 109 3.03 -13.77 2.52
C LEU C 109 3.79 -12.89 1.53
N THR C 110 3.04 -12.23 0.65
CA THR C 110 3.62 -11.33 -0.36
C THR C 110 4.48 -10.27 0.32
N ASP C 111 3.91 -9.65 1.36
CA ASP C 111 4.56 -8.61 2.16
C ASP C 111 5.92 -9.10 2.63
N SER C 112 5.90 -10.28 3.25
CA SER C 112 7.12 -10.88 3.76
C SER C 112 8.08 -11.16 2.61
N THR C 113 7.52 -11.53 1.47
CA THR C 113 8.33 -11.83 0.31
C THR C 113 9.02 -10.58 -0.19
N VAL C 114 8.26 -9.49 -0.21
CA VAL C 114 8.80 -8.21 -0.64
C VAL C 114 9.97 -7.81 0.26
N LYS C 115 9.73 -7.82 1.57
CA LYS C 115 10.77 -7.45 2.52
C LYS C 115 12.00 -8.32 2.36
N LEU C 116 11.79 -9.63 2.23
CA LEU C 116 12.90 -10.56 2.06
C LEU C 116 13.66 -10.24 0.79
N SER C 117 12.94 -9.74 -0.22
CA SER C 117 13.56 -9.38 -1.48
C SER C 117 14.45 -8.17 -1.30
N SER C 118 13.91 -7.11 -0.70
CA SER C 118 14.68 -5.89 -0.47
C SER C 118 15.87 -6.16 0.45
N LEU C 119 15.66 -7.00 1.46
CA LEU C 119 16.73 -7.35 2.39
C LEU C 119 17.88 -8.09 1.72
N PHE C 120 17.54 -8.94 0.75
CA PHE C 120 18.49 -9.75 -0.03
C PHE C 120 18.93 -8.97 -1.26
N GLY C 121 18.32 -7.81 -1.47
CA GLY C 121 18.66 -6.96 -2.60
C GLY C 121 18.54 -7.53 -3.99
N ILE C 122 17.42 -8.19 -4.26
CA ILE C 122 17.19 -8.78 -5.58
C ILE C 122 16.31 -7.87 -6.42
N LYS C 123 16.84 -7.53 -7.59
CA LYS C 123 16.19 -6.63 -8.53
C LYS C 123 14.93 -7.21 -9.12
N ALA C 124 14.93 -8.53 -9.32
CA ALA C 124 13.79 -9.22 -9.88
C ALA C 124 12.59 -9.09 -8.96
N ASN C 125 11.40 -9.31 -9.52
CA ASN C 125 10.15 -9.23 -8.79
C ASN C 125 9.61 -10.63 -8.41
N ILE C 126 9.88 -11.06 -7.18
CA ILE C 126 9.42 -12.35 -6.68
C ILE C 126 8.02 -12.22 -6.05
N LEU C 127 7.08 -13.05 -6.48
CA LEU C 127 5.73 -12.94 -5.93
C LEU C 127 5.13 -14.33 -5.81
N PRO C 128 4.60 -14.65 -4.62
CA PRO C 128 3.99 -15.96 -4.43
C PRO C 128 2.69 -15.96 -5.23
N SER C 130 -0.16 -16.73 -4.37
CA SER C 130 -1.32 -16.26 -3.63
C SER C 130 -1.00 -16.06 -2.18
N ASP C 131 -1.76 -15.20 -1.55
CA ASP C 131 -1.56 -14.91 -0.15
C ASP C 131 -2.33 -15.88 0.73
N ASP C 132 -3.34 -16.52 0.14
CA ASP C 132 -4.18 -17.49 0.86
C ASP C 132 -3.51 -18.85 0.97
N PRO C 133 -3.81 -19.60 2.04
CA PRO C 133 -3.20 -20.91 2.24
C PRO C 133 -3.72 -21.97 1.27
N VAL C 134 -2.79 -22.76 0.76
CA VAL C 134 -3.06 -23.87 -0.17
C VAL C 134 -2.02 -24.94 0.14
N SER C 135 -2.48 -26.19 0.29
CA SER C 135 -1.59 -27.30 0.59
C SER C 135 -1.82 -28.52 -0.27
N THR C 136 -0.74 -29.07 -0.80
CA THR C 136 -0.81 -30.25 -1.65
C THR C 136 -0.78 -31.54 -0.82
N TYR C 137 -1.85 -32.33 -0.88
CA TYR C 137 -1.89 -33.58 -0.14
C TYR C 137 -1.79 -34.76 -1.08
N ILE C 138 -1.00 -35.76 -0.71
CA ILE C 138 -0.83 -36.94 -1.56
C ILE C 138 -1.52 -38.20 -1.04
N GLU C 139 -2.62 -38.54 -1.69
CA GLU C 139 -3.39 -39.71 -1.31
C GLU C 139 -2.66 -40.99 -1.72
N THR C 140 -2.12 -41.72 -0.76
CA THR C 140 -1.42 -42.96 -1.09
C THR C 140 -2.14 -44.16 -0.51
N ALA C 141 -1.71 -45.35 -0.94
CA ALA C 141 -2.29 -46.61 -0.48
C ALA C 141 -2.03 -46.80 1.01
N GLU C 142 -1.08 -46.04 1.54
CA GLU C 142 -0.74 -46.10 2.95
C GLU C 142 -1.61 -45.14 3.72
N GLY C 143 -2.10 -44.11 3.04
CA GLY C 143 -2.96 -43.12 3.67
C GLY C 143 -2.71 -41.71 3.16
N ILE C 144 -3.74 -40.87 3.17
CA ILE C 144 -3.57 -39.49 2.72
C ILE C 144 -2.59 -38.74 3.62
N HIS C 146 0.66 -35.23 3.70
CA HIS C 146 1.16 -34.00 3.12
C HIS C 146 2.35 -34.31 2.21
N PHE C 147 2.44 -33.60 1.08
CA PHE C 147 3.52 -33.81 0.14
C PHE C 147 4.85 -34.01 0.85
N GLN C 148 5.21 -33.10 1.73
CA GLN C 148 6.47 -33.16 2.46
C GLN C 148 6.74 -34.53 3.07
N ASP C 149 5.70 -35.09 3.66
CA ASP C 149 5.80 -36.40 4.29
C ASP C 149 6.03 -37.47 3.27
N PHE C 150 5.44 -37.27 2.09
CA PHE C 150 5.57 -38.22 0.99
C PHE C 150 6.95 -38.16 0.35
N TRP C 151 7.36 -36.98 -0.08
CA TRP C 151 8.66 -36.82 -0.71
C TRP C 151 9.83 -36.90 0.26
N ILE C 152 9.89 -36.00 1.23
CA ILE C 152 10.99 -36.00 2.18
C ILE C 152 10.87 -37.10 3.25
N GLY C 153 9.69 -37.21 3.86
CA GLY C 153 9.49 -38.22 4.90
C GLY C 153 9.48 -39.68 4.47
N LYS C 154 9.09 -39.95 3.23
CA LYS C 154 9.04 -41.31 2.73
C LYS C 154 9.91 -41.52 1.48
N ARG C 155 10.74 -40.53 1.16
CA ARG C 155 11.62 -40.61 0.00
C ARG C 155 10.81 -40.87 -1.27
N GLY C 156 9.57 -40.42 -1.28
CA GLY C 156 8.72 -40.62 -2.42
C GLY C 156 8.46 -42.08 -2.73
N GLU C 157 8.70 -42.96 -1.75
CA GLU C 157 8.50 -44.40 -1.93
C GLU C 157 7.03 -44.87 -1.96
N PRO C 158 6.17 -44.35 -1.07
CA PRO C 158 4.78 -44.78 -1.06
C PRO C 158 4.15 -44.94 -2.46
N ASP C 159 3.11 -45.77 -2.54
CA ASP C 159 2.42 -46.01 -3.80
C ASP C 159 1.31 -44.96 -3.93
N VAL C 160 1.54 -43.92 -4.73
CA VAL C 160 0.56 -42.85 -4.93
C VAL C 160 -0.69 -43.33 -5.65
N ARG C 161 -1.83 -42.76 -5.27
CA ARG C 161 -3.09 -43.15 -5.89
C ARG C 161 -3.96 -41.92 -6.15
N GLY C 162 -3.50 -40.76 -5.71
CA GLY C 162 -4.28 -39.56 -5.94
C GLY C 162 -3.61 -38.34 -5.37
N VAL C 163 -3.90 -37.19 -5.92
CA VAL C 163 -3.31 -35.97 -5.41
C VAL C 163 -4.43 -34.99 -5.14
N ASP C 164 -4.38 -34.35 -3.96
CA ASP C 164 -5.38 -33.39 -3.48
C ASP C 164 -4.81 -32.03 -3.06
N ILE C 165 -4.96 -31.02 -3.94
CA ILE C 165 -4.50 -29.68 -3.64
C ILE C 165 -5.69 -29.03 -2.99
N ARG C 166 -5.53 -28.72 -1.71
CA ARG C 166 -6.59 -28.12 -0.91
C ARG C 166 -6.54 -26.60 -0.79
N GLY C 167 -7.72 -25.99 -0.79
CA GLY C 167 -7.79 -24.54 -0.66
C GLY C 167 -7.64 -23.74 -1.92
N VAL C 168 -7.10 -24.38 -2.95
CA VAL C 168 -6.90 -23.72 -4.24
C VAL C 168 -8.20 -23.10 -4.78
N SER C 169 -9.32 -23.79 -4.52
CA SER C 169 -10.64 -23.35 -4.96
C SER C 169 -11.09 -22.10 -4.20
N GLU C 170 -10.64 -21.98 -2.96
CA GLU C 170 -10.99 -20.85 -2.11
C GLU C 170 -9.90 -19.77 -2.13
N ALA C 171 -8.71 -20.12 -2.62
CA ALA C 171 -7.61 -19.16 -2.70
C ALA C 171 -7.92 -18.20 -3.84
N SER C 172 -7.06 -17.19 -3.99
CA SER C 172 -7.25 -16.20 -5.04
C SER C 172 -5.90 -15.59 -5.41
N ILE C 173 -5.69 -15.40 -6.72
CA ILE C 173 -4.43 -14.85 -7.22
C ILE C 173 -3.99 -13.60 -6.47
N SER C 174 -2.78 -13.61 -5.93
CA SER C 174 -2.26 -12.46 -5.19
C SER C 174 -2.54 -11.16 -5.95
N PRO C 175 -3.02 -10.13 -5.26
CA PRO C 175 -3.32 -8.86 -5.93
C PRO C 175 -2.06 -8.31 -6.61
N LYS C 176 -0.90 -8.53 -6.02
CA LYS C 176 0.35 -8.06 -6.63
C LYS C 176 0.67 -8.85 -7.89
N VAL C 177 0.15 -10.08 -7.99
CA VAL C 177 0.37 -10.93 -9.16
C VAL C 177 -0.61 -10.56 -10.27
N LEU C 178 -1.85 -10.24 -9.90
CA LEU C 178 -2.85 -9.84 -10.88
C LEU C 178 -2.41 -8.49 -11.49
N GLU C 179 -1.85 -7.61 -10.65
CA GLU C 179 -1.37 -6.29 -11.10
C GLU C 179 -0.31 -6.50 -12.17
N ALA C 180 0.58 -7.45 -11.93
CA ALA C 180 1.65 -7.76 -12.87
C ALA C 180 1.08 -8.18 -14.22
N PHE C 181 0.12 -9.12 -14.20
CA PHE C 181 -0.51 -9.63 -15.41
C PHE C 181 -1.12 -8.50 -16.24
N GLU C 182 -1.37 -7.38 -15.59
CA GLU C 182 -1.96 -6.27 -16.30
C GLU C 182 -0.97 -5.75 -17.33
N LYS C 183 0.24 -5.47 -16.86
CA LYS C 183 1.30 -4.91 -17.71
C LYS C 183 2.15 -5.96 -18.42
N GLU C 184 1.64 -7.19 -18.51
CA GLU C 184 2.39 -8.28 -19.15
C GLU C 184 1.61 -8.97 -20.24
N GLU C 185 2.33 -9.74 -21.05
CA GLU C 185 1.74 -10.47 -22.15
C GLU C 185 2.58 -11.71 -22.50
N ASN C 186 3.76 -11.80 -21.90
CA ASN C 186 4.65 -12.92 -22.12
C ASN C 186 4.79 -13.76 -20.85
N ILE C 187 4.19 -14.95 -20.88
CA ILE C 187 4.23 -15.86 -19.74
C ILE C 187 5.01 -17.13 -20.02
N LEU C 188 5.92 -17.48 -19.12
CA LEU C 188 6.76 -18.66 -19.26
C LEU C 188 6.47 -19.73 -18.21
N ILE C 189 6.06 -20.92 -18.65
CA ILE C 189 5.79 -22.00 -17.71
C ILE C 189 7.06 -22.85 -17.58
N GLY C 190 7.93 -22.45 -16.68
CA GLY C 190 9.18 -23.18 -16.47
C GLY C 190 9.02 -24.69 -16.40
N PRO C 191 10.11 -25.44 -16.48
CA PRO C 191 10.06 -26.91 -16.43
C PRO C 191 9.90 -27.44 -15.01
N SER C 192 8.70 -27.27 -14.44
CA SER C 192 8.41 -27.75 -13.08
C SER C 192 7.20 -28.71 -13.06
N ASN C 193 7.11 -29.58 -12.04
CA ASN C 193 6.02 -30.57 -11.93
C ASN C 193 4.72 -29.91 -12.36
N PRO C 194 4.10 -30.43 -13.42
CA PRO C 194 2.84 -29.88 -13.92
C PRO C 194 1.63 -30.14 -13.03
N ILE C 195 1.80 -31.06 -12.08
CA ILE C 195 0.71 -31.42 -11.18
C ILE C 195 0.73 -30.68 -9.82
N THR C 196 1.88 -30.72 -9.14
CA THR C 196 2.04 -30.11 -7.83
C THR C 196 2.69 -28.71 -7.77
N SER C 197 3.23 -28.23 -8.89
CA SER C 197 3.87 -26.92 -8.96
C SER C 197 3.14 -25.95 -9.88
N ILE C 198 3.06 -26.27 -11.16
CA ILE C 198 2.36 -25.41 -12.10
C ILE C 198 0.87 -25.57 -11.87
N GLY C 199 0.44 -26.82 -11.66
CA GLY C 199 -0.96 -27.11 -11.43
C GLY C 199 -1.57 -26.11 -10.47
N PRO C 200 -1.04 -26.04 -9.24
CA PRO C 200 -1.58 -25.11 -8.25
C PRO C 200 -1.69 -23.66 -8.78
N ILE C 201 -0.63 -23.15 -9.41
CA ILE C 201 -0.67 -21.78 -9.92
C ILE C 201 -1.78 -21.54 -10.93
N ILE C 202 -1.93 -22.42 -11.92
CA ILE C 202 -2.95 -22.28 -12.94
C ILE C 202 -4.36 -22.71 -12.46
N SER C 203 -4.42 -23.41 -11.34
CA SER C 203 -5.69 -23.86 -10.77
C SER C 203 -6.39 -22.71 -10.04
N LEU C 204 -5.64 -21.69 -9.64
CA LEU C 204 -6.25 -20.56 -8.95
C LEU C 204 -7.41 -20.07 -9.77
N PRO C 205 -8.43 -19.53 -9.11
CA PRO C 205 -9.61 -19.02 -9.82
C PRO C 205 -9.26 -17.93 -10.84
N GLY C 206 -9.74 -18.11 -12.07
CA GLY C 206 -9.54 -17.16 -13.15
C GLY C 206 -8.19 -17.20 -13.84
N ARG C 208 -6.69 -19.88 -15.52
CA ARG C 208 -6.83 -20.49 -16.85
C ARG C 208 -7.30 -19.45 -17.85
N GLU C 209 -8.15 -18.54 -17.40
CA GLU C 209 -8.67 -17.50 -18.29
C GLU C 209 -7.66 -16.39 -18.53
N LEU C 210 -6.99 -15.98 -17.47
CA LEU C 210 -5.98 -14.93 -17.57
C LEU C 210 -4.85 -15.31 -18.54
N LEU C 211 -4.43 -16.57 -18.53
CA LEU C 211 -3.35 -17.08 -19.38
C LEU C 211 -3.76 -17.06 -20.85
N LYS C 212 -5.02 -17.39 -21.10
CA LYS C 212 -5.52 -17.40 -22.46
C LYS C 212 -5.20 -16.07 -23.15
N LYS C 213 -5.37 -14.96 -22.43
CA LYS C 213 -5.11 -13.63 -22.99
C LYS C 213 -3.64 -13.26 -23.20
N LYS C 214 -2.73 -14.19 -22.99
CA LYS C 214 -1.31 -13.89 -23.15
C LYS C 214 -0.53 -14.98 -23.84
N LYS C 215 0.64 -14.62 -24.35
CA LYS C 215 1.52 -15.55 -25.06
C LYS C 215 2.21 -16.47 -24.04
N VAL C 216 1.77 -17.72 -23.99
CA VAL C 216 2.29 -18.73 -23.05
C VAL C 216 3.29 -19.75 -23.61
N VAL C 217 4.56 -19.53 -23.29
CA VAL C 217 5.62 -20.42 -23.71
C VAL C 217 5.86 -21.39 -22.54
N ALA C 218 5.98 -22.69 -22.82
CA ALA C 218 6.21 -23.63 -21.74
C ALA C 218 7.39 -24.54 -22.06
N VAL C 219 8.12 -24.98 -21.03
CA VAL C 219 9.25 -25.89 -21.24
C VAL C 219 8.94 -27.22 -20.52
N SER C 220 8.84 -28.32 -21.28
CA SER C 220 8.52 -29.63 -20.70
C SER C 220 9.47 -30.08 -19.61
N PRO C 221 8.92 -30.53 -18.49
CA PRO C 221 9.75 -30.99 -17.39
C PRO C 221 10.01 -32.49 -17.49
N ILE C 222 9.49 -33.08 -18.56
CA ILE C 222 9.63 -34.52 -18.79
C ILE C 222 10.53 -34.86 -19.96
N ILE C 223 11.71 -35.41 -19.68
CA ILE C 223 12.65 -35.81 -20.72
C ILE C 223 12.50 -37.30 -20.96
N GLY C 224 11.75 -37.64 -22.01
CA GLY C 224 11.53 -39.04 -22.32
C GLY C 224 10.21 -39.51 -21.75
N ASN C 225 10.29 -40.48 -20.83
CA ASN C 225 9.11 -41.06 -20.20
C ASN C 225 9.05 -40.78 -18.70
N ALA C 226 9.98 -39.95 -18.21
CA ALA C 226 10.01 -39.64 -16.80
C ALA C 226 10.70 -38.30 -16.61
N PRO C 227 10.37 -37.59 -15.51
CA PRO C 227 10.95 -36.28 -15.17
C PRO C 227 12.42 -36.41 -14.81
N VAL C 228 13.17 -35.34 -15.05
CA VAL C 228 14.60 -35.30 -14.76
C VAL C 228 14.83 -35.51 -13.26
N SER C 229 13.78 -35.27 -12.47
CA SER C 229 13.85 -35.44 -11.02
C SER C 229 12.48 -35.18 -10.44
N GLY C 230 12.31 -35.49 -9.17
CA GLY C 230 11.02 -35.27 -8.55
C GLY C 230 10.06 -36.41 -8.75
N PRO C 231 8.97 -36.40 -7.99
CA PRO C 231 7.95 -37.44 -8.05
C PRO C 231 6.93 -37.27 -9.18
N ALA C 232 7.27 -36.51 -10.21
CA ALA C 232 6.30 -36.32 -11.29
C ALA C 232 5.98 -37.65 -11.97
N GLY C 233 6.84 -38.63 -11.78
CA GLY C 233 6.63 -39.93 -12.38
C GLY C 233 5.42 -40.65 -11.79
N LYS C 234 5.22 -40.55 -10.48
CA LYS C 234 4.10 -41.22 -9.80
C LYS C 234 2.88 -40.35 -9.71
N LEU C 235 3.09 -39.06 -9.53
CA LEU C 235 2.00 -38.12 -9.38
C LEU C 235 1.24 -37.91 -10.67
N PRO C 237 0.78 -39.77 -13.50
CA PRO C 237 -0.11 -40.85 -13.91
C PRO C 237 -1.27 -41.00 -12.92
N ALA C 238 -1.01 -40.72 -11.65
CA ALA C 238 -2.02 -40.84 -10.61
C ALA C 238 -3.14 -39.84 -10.82
N CYS C 239 -2.97 -38.91 -11.75
CA CYS C 239 -3.99 -37.91 -12.02
C CYS C 239 -4.59 -38.09 -13.40
N GLY C 240 -4.18 -39.16 -14.08
CA GLY C 240 -4.70 -39.43 -15.41
C GLY C 240 -3.82 -38.95 -16.55
N ILE C 241 -2.89 -38.06 -16.22
CA ILE C 241 -1.97 -37.51 -17.19
C ILE C 241 -0.89 -38.55 -17.51
N GLU C 242 -0.49 -38.61 -18.77
CA GLU C 242 0.54 -39.55 -19.20
C GLU C 242 1.93 -38.94 -19.06
N VAL C 243 2.84 -39.61 -18.34
CA VAL C 243 4.21 -39.09 -18.12
C VAL C 243 5.01 -38.95 -19.44
N SER C 244 4.73 -37.87 -20.18
CA SER C 244 5.40 -37.64 -21.45
C SER C 244 5.32 -36.18 -21.87
N SER C 245 6.31 -35.75 -22.63
CA SER C 245 6.36 -34.37 -23.10
C SER C 245 5.08 -34.08 -23.84
N GLY C 247 1.99 -35.38 -22.74
CA GLY C 247 0.96 -35.19 -21.76
C GLY C 247 0.98 -33.79 -21.18
N VAL C 248 2.20 -33.32 -20.91
CA VAL C 248 2.39 -32.01 -20.33
C VAL C 248 1.82 -30.96 -21.25
N ALA C 249 2.03 -31.15 -22.54
CA ALA C 249 1.52 -30.21 -23.52
C ALA C 249 0.00 -30.22 -23.49
N GLU C 250 -0.60 -31.40 -23.45
CA GLU C 250 -2.05 -31.50 -23.43
C GLU C 250 -2.62 -30.86 -22.18
N TYR C 251 -1.85 -30.94 -21.10
CA TYR C 251 -2.27 -30.41 -19.81
C TYR C 251 -2.53 -28.90 -19.86
N TYR C 252 -1.71 -28.15 -20.60
CA TYR C 252 -1.89 -26.71 -20.72
C TYR C 252 -2.53 -26.37 -22.06
N GLN C 253 -3.15 -27.39 -22.66
CA GLN C 253 -3.80 -27.29 -23.96
C GLN C 253 -4.84 -26.18 -24.08
N ASP C 254 -5.16 -25.54 -22.96
CA ASP C 254 -6.16 -24.47 -22.99
C ASP C 254 -5.56 -23.07 -23.11
N PHE C 255 -4.22 -22.97 -23.05
CA PHE C 255 -3.54 -21.68 -23.14
C PHE C 255 -2.10 -21.79 -23.65
N LEU C 256 -1.62 -23.02 -23.80
CA LEU C 256 -0.27 -23.25 -24.26
C LEU C 256 -0.11 -22.87 -25.72
N ASP C 257 0.74 -21.88 -26.00
CA ASP C 257 0.98 -21.43 -27.38
C ASP C 257 2.30 -21.96 -27.97
N VAL C 258 3.40 -21.77 -27.25
CA VAL C 258 4.69 -22.25 -27.74
C VAL C 258 5.22 -23.28 -26.75
N PHE C 259 5.40 -24.51 -27.20
CA PHE C 259 5.90 -25.55 -26.33
C PHE C 259 7.37 -25.81 -26.69
N VAL C 260 8.17 -26.26 -25.74
CA VAL C 260 9.60 -26.55 -26.00
C VAL C 260 10.01 -27.78 -25.20
N PHE C 261 10.09 -28.94 -25.86
CA PHE C 261 10.50 -30.19 -25.20
C PHE C 261 11.91 -30.60 -25.57
N ASP C 262 12.50 -31.48 -24.77
CA ASP C 262 13.86 -31.92 -25.01
C ASP C 262 13.99 -32.50 -26.41
N GLU C 263 15.22 -32.52 -26.92
CA GLU C 263 15.49 -33.05 -28.25
C GLU C 263 15.60 -34.59 -28.21
N ARG C 264 15.99 -35.14 -27.06
CA ARG C 264 16.12 -36.59 -26.89
C ARG C 264 14.86 -37.35 -27.28
N ASP C 265 13.70 -36.71 -27.15
CA ASP C 265 12.47 -37.39 -27.53
C ASP C 265 11.69 -36.66 -28.61
N ARG C 266 12.37 -36.24 -29.67
CA ARG C 266 11.70 -35.55 -30.79
C ARG C 266 10.45 -36.32 -31.18
N ALA C 267 9.33 -35.61 -31.33
CA ALA C 267 8.08 -36.28 -31.67
C ALA C 267 7.32 -35.59 -32.78
N ASP C 268 6.13 -36.12 -33.04
CA ASP C 268 5.25 -35.60 -34.08
C ASP C 268 5.04 -34.11 -33.94
N GLU C 269 5.54 -33.37 -34.94
CA GLU C 269 5.39 -31.92 -34.94
C GLU C 269 3.94 -31.55 -35.23
N PHE C 270 3.28 -32.31 -36.10
CA PHE C 270 1.89 -32.06 -36.45
C PHE C 270 0.94 -32.42 -35.30
N ALA C 271 1.32 -33.43 -34.53
CA ALA C 271 0.54 -33.86 -33.37
C ALA C 271 0.35 -32.65 -32.46
N PHE C 272 1.46 -32.00 -32.09
CA PHE C 272 1.41 -30.83 -31.23
C PHE C 272 0.50 -29.77 -31.84
N GLU C 273 0.49 -29.67 -33.16
CA GLU C 273 -0.34 -28.70 -33.85
C GLU C 273 -1.81 -29.02 -33.56
N ARG C 274 -2.10 -30.30 -33.39
CA ARG C 274 -3.46 -30.75 -33.12
C ARG C 274 -3.92 -30.29 -31.74
N LEU C 275 -2.97 -29.73 -30.97
CA LEU C 275 -3.24 -29.20 -29.64
C LEU C 275 -3.20 -27.68 -29.71
N GLY C 276 -3.08 -27.16 -30.92
CA GLY C 276 -3.03 -25.72 -31.11
C GLY C 276 -1.82 -25.04 -30.50
N CYS C 277 -0.62 -25.54 -30.80
CA CYS C 277 0.59 -24.94 -30.24
C CYS C 277 1.86 -25.33 -31.01
N HIS C 278 2.77 -24.39 -31.23
CA HIS C 278 4.00 -24.71 -31.93
C HIS C 278 4.97 -25.37 -30.98
N ALA C 279 5.51 -26.51 -31.39
CA ALA C 279 6.47 -27.23 -30.55
C ALA C 279 7.89 -26.84 -30.96
N SER C 280 8.87 -27.54 -30.42
CA SER C 280 10.28 -27.27 -30.70
C SER C 280 11.19 -28.08 -29.77
N ARG C 281 12.12 -28.83 -30.34
CA ARG C 281 13.03 -29.62 -29.51
C ARG C 281 14.22 -28.72 -29.07
N ALA C 282 15.01 -29.20 -28.12
CA ALA C 282 16.17 -28.45 -27.62
C ALA C 282 16.76 -29.25 -26.47
N ASP C 283 18.02 -29.01 -26.14
CA ASP C 283 18.64 -29.71 -25.03
C ASP C 283 18.18 -29.04 -23.73
N THR C 284 17.16 -29.61 -23.09
CA THR C 284 16.61 -29.04 -21.86
C THR C 284 17.31 -29.51 -20.58
N LEU C 285 18.06 -30.60 -20.66
CA LEU C 285 18.76 -31.11 -19.49
C LEU C 285 19.80 -30.10 -19.05
N THR C 287 22.58 -28.85 -17.12
CA THR C 287 23.71 -29.29 -16.35
C THR C 287 24.37 -28.10 -15.69
N SER C 288 25.10 -27.30 -16.46
CA SER C 288 25.75 -26.12 -15.90
C SER C 288 24.92 -24.87 -16.13
N THR C 289 25.30 -23.77 -15.49
CA THR C 289 24.56 -22.52 -15.66
C THR C 289 24.54 -22.19 -17.15
N GLU C 290 25.60 -22.56 -17.87
CA GLU C 290 25.67 -22.30 -19.30
C GLU C 290 24.48 -22.93 -19.98
N LYS C 291 24.24 -24.21 -19.71
CA LYS C 291 23.10 -24.90 -20.31
C LYS C 291 21.80 -24.15 -20.05
N SER C 292 21.69 -23.56 -18.86
CA SER C 292 20.51 -22.79 -18.49
C SER C 292 20.46 -21.53 -19.35
N LYS C 293 21.61 -20.89 -19.54
CA LYS C 293 21.70 -19.68 -20.36
C LYS C 293 21.36 -20.05 -21.79
N GLU C 294 21.94 -21.16 -22.25
CA GLU C 294 21.73 -21.71 -23.59
C GLU C 294 20.23 -21.98 -23.84
N LEU C 295 19.59 -22.74 -22.97
CA LEU C 295 18.17 -23.03 -23.15
C LEU C 295 17.32 -21.77 -22.98
N ALA C 296 17.77 -20.88 -22.08
CA ALA C 296 17.08 -19.62 -21.81
C ALA C 296 16.98 -18.76 -23.06
N GLU C 297 18.03 -18.79 -23.89
CA GLU C 297 18.07 -18.04 -25.15
C GLU C 297 17.05 -18.67 -26.08
N ILE C 298 16.95 -20.00 -26.03
CA ILE C 298 16.00 -20.74 -26.86
C ILE C 298 14.61 -20.27 -26.47
N VAL C 299 14.41 -20.11 -25.16
CA VAL C 299 13.12 -19.68 -24.62
C VAL C 299 12.78 -18.25 -25.02
N VAL C 300 13.75 -17.35 -24.90
CA VAL C 300 13.53 -15.95 -25.28
C VAL C 300 13.23 -15.90 -26.77
N GLN C 301 14.01 -16.64 -27.56
CA GLN C 301 13.79 -16.68 -28.99
C GLN C 301 12.36 -17.17 -29.29
N ALA C 302 11.90 -18.19 -28.56
CA ALA C 302 10.56 -18.71 -28.77
C ALA C 302 9.49 -17.61 -28.62
N PHE C 303 9.68 -16.70 -27.65
CA PHE C 303 8.75 -15.60 -27.43
C PHE C 303 8.76 -14.63 -28.61
N LEU C 304 9.97 -14.30 -29.05
CA LEU C 304 10.18 -13.39 -30.17
C LEU C 304 9.60 -13.91 -31.46
N GLU C 305 9.66 -15.23 -31.68
CA GLU C 305 9.13 -15.85 -32.91
C GLU C 305 7.61 -15.66 -33.07
N ILE D 2 11.39 -29.43 47.96
CA ILE D 2 10.84 -28.51 46.97
C ILE D 2 11.67 -27.25 46.97
N ILE D 3 11.93 -26.69 45.80
CA ILE D 3 12.74 -25.47 45.71
C ILE D 3 12.19 -24.49 44.67
N PHE D 4 11.78 -23.32 45.15
CA PHE D 4 11.26 -22.26 44.30
C PHE D 4 12.46 -21.55 43.72
N SER D 5 12.64 -21.65 42.40
CA SER D 5 13.77 -21.07 41.70
C SER D 5 13.45 -20.02 40.63
N GLY D 6 14.45 -19.20 40.34
CA GLY D 6 14.35 -18.17 39.33
C GLY D 6 15.21 -18.62 38.16
N GLY D 7 16.21 -17.82 37.77
CA GLY D 7 17.06 -18.19 36.67
C GLY D 7 18.52 -17.81 36.85
N THR D 8 18.86 -17.39 38.07
CA THR D 8 20.23 -17.00 38.40
C THR D 8 20.55 -17.34 39.87
N GLY D 9 19.93 -16.62 40.80
CA GLY D 9 20.17 -16.86 42.20
C GLY D 9 20.05 -18.32 42.61
N THR D 10 18.82 -18.83 42.60
CA THR D 10 18.55 -20.21 43.00
C THR D 10 19.31 -21.25 42.21
N PRO D 11 19.24 -21.18 40.88
CA PRO D 11 19.97 -22.19 40.12
C PRO D 11 21.43 -22.23 40.54
N LYS D 12 21.91 -21.16 41.17
CA LYS D 12 23.31 -21.17 41.62
C LYS D 12 23.42 -22.00 42.90
N LEU D 13 22.42 -21.85 43.76
CA LEU D 13 22.39 -22.57 45.01
C LEU D 13 22.18 -24.02 44.66
N LEU D 14 21.27 -24.27 43.71
CA LEU D 14 21.02 -25.62 43.27
C LEU D 14 22.32 -26.24 42.75
N ASP D 15 23.18 -25.40 42.16
CA ASP D 15 24.45 -25.87 41.62
C ASP D 15 25.30 -26.55 42.68
N GLY D 16 25.09 -26.16 43.93
CA GLY D 16 25.83 -26.77 45.02
C GLY D 16 24.94 -27.67 45.83
N LEU D 17 23.62 -27.45 45.75
CA LEU D 17 22.67 -28.26 46.52
C LEU D 17 22.62 -29.67 45.94
N LYS D 18 22.79 -29.77 44.63
CA LYS D 18 22.74 -31.06 43.95
C LYS D 18 23.94 -31.93 44.26
N GLU D 19 24.82 -31.46 45.14
CA GLU D 19 26.01 -32.20 45.56
C GLU D 19 25.80 -32.73 46.99
N ILE D 20 24.77 -32.20 47.66
CA ILE D 20 24.44 -32.56 49.04
C ILE D 20 23.33 -33.62 49.13
N LEU D 21 22.32 -33.54 48.27
CA LEU D 21 21.22 -34.52 48.29
C LEU D 21 21.10 -35.23 46.98
N PRO D 22 20.38 -36.36 46.97
CA PRO D 22 20.24 -37.08 45.70
C PRO D 22 19.32 -36.32 44.75
N GLU D 23 19.76 -36.15 43.51
CA GLU D 23 18.98 -35.41 42.54
C GLU D 23 17.51 -35.73 42.53
N GLU D 24 17.14 -37.01 42.44
CA GLU D 24 15.74 -37.42 42.40
C GLU D 24 14.94 -36.73 43.50
N GLU D 25 15.58 -36.47 44.62
CA GLU D 25 14.90 -35.86 45.75
C GLU D 25 14.79 -34.35 45.65
N LEU D 26 15.25 -33.78 44.55
CA LEU D 26 15.18 -32.33 44.40
C LEU D 26 14.06 -31.95 43.44
N THR D 27 12.99 -31.35 43.94
CA THR D 27 11.89 -30.89 43.09
C THR D 27 12.03 -29.38 42.99
N VAL D 28 12.25 -28.87 41.79
CA VAL D 28 12.44 -27.43 41.61
C VAL D 28 11.25 -26.77 40.94
N VAL D 29 10.61 -25.82 41.61
CA VAL D 29 9.48 -25.13 41.01
C VAL D 29 10.01 -23.78 40.47
N VAL D 30 10.00 -23.62 39.14
CA VAL D 30 10.50 -22.39 38.53
C VAL D 30 9.44 -21.40 38.06
N ASN D 31 9.85 -20.15 37.98
CA ASN D 31 8.99 -19.04 37.57
C ASN D 31 8.74 -19.02 36.08
N THR D 32 7.49 -18.82 35.70
CA THR D 32 7.16 -18.79 34.28
C THR D 32 6.64 -17.41 33.87
N ALA D 33 6.75 -16.44 34.76
CA ALA D 33 6.28 -15.08 34.47
C ALA D 33 7.21 -14.34 33.52
N GLU D 34 8.36 -14.94 33.28
CA GLU D 34 9.36 -14.35 32.40
C GLU D 34 9.18 -14.93 31.00
N ASP D 35 8.48 -16.06 30.93
CA ASP D 35 8.23 -16.74 29.66
C ASP D 35 7.66 -15.79 28.64
N LEU D 36 8.07 -16.01 27.39
CA LEU D 36 7.66 -15.20 26.27
C LEU D 36 7.91 -15.94 24.98
N TRP D 37 7.03 -15.79 24.00
CA TRP D 37 7.21 -16.46 22.72
C TRP D 37 8.07 -15.57 21.83
N VAL D 38 9.19 -16.11 21.36
CA VAL D 38 10.11 -15.37 20.52
C VAL D 38 10.47 -16.16 19.28
N SER D 39 10.24 -15.57 18.12
CA SER D 39 10.53 -16.23 16.85
C SER D 39 9.80 -17.56 16.76
N GLY D 40 8.49 -17.50 16.94
CA GLY D 40 7.64 -18.68 16.84
C GLY D 40 7.81 -19.84 17.79
N ASN D 41 8.48 -19.58 18.92
CA ASN D 41 8.72 -20.60 19.91
C ASN D 41 8.75 -20.03 21.30
N LEU D 42 8.21 -20.82 22.22
CA LEU D 42 8.11 -20.44 23.59
C LEU D 42 9.44 -20.53 24.33
N ILE D 43 9.81 -19.45 25.01
CA ILE D 43 11.06 -19.45 25.75
C ILE D 43 10.74 -19.37 27.24
N SER D 44 11.38 -20.24 28.03
CA SER D 44 11.18 -20.27 29.48
C SER D 44 12.55 -20.04 30.12
N PRO D 45 13.02 -18.78 30.10
CA PRO D 45 14.32 -18.40 30.65
C PRO D 45 14.64 -19.03 31.99
N ASP D 46 13.86 -18.75 33.01
CA ASP D 46 14.13 -19.33 34.32
C ASP D 46 14.14 -20.87 34.24
N LEU D 47 13.05 -21.43 33.73
CA LEU D 47 12.92 -22.87 33.63
C LEU D 47 13.99 -23.56 32.76
N ASP D 48 14.51 -22.84 31.77
CA ASP D 48 15.54 -23.35 30.89
C ASP D 48 16.89 -23.39 31.57
N THR D 49 17.22 -22.34 32.33
CA THR D 49 18.49 -22.26 33.02
C THR D 49 18.60 -23.46 33.97
N VAL D 50 17.51 -23.77 34.67
CA VAL D 50 17.48 -24.90 35.60
C VAL D 50 17.69 -26.21 34.83
N LEU D 51 17.07 -26.35 33.66
CA LEU D 51 17.23 -27.55 32.83
C LEU D 51 18.67 -27.73 32.41
N TYR D 52 19.27 -26.63 31.98
CA TYR D 52 20.66 -26.63 31.56
C TYR D 52 21.61 -26.89 32.72
N LEU D 53 21.27 -26.34 33.89
CA LEU D 53 22.11 -26.49 35.09
C LEU D 53 22.32 -27.96 35.42
N PHE D 54 21.22 -28.68 35.52
CA PHE D 54 21.25 -30.10 35.82
C PHE D 54 21.70 -30.93 34.63
N SER D 55 21.37 -30.50 33.41
CA SER D 55 21.79 -31.25 32.23
C SER D 55 23.26 -30.98 32.02
N ASP D 56 23.82 -30.22 32.97
CA ASP D 56 25.22 -29.86 32.95
C ASP D 56 25.72 -29.27 31.63
N GLN D 57 24.97 -28.29 31.12
CA GLN D 57 25.32 -27.58 29.88
C GLN D 57 24.99 -26.09 29.94
N ILE D 58 24.93 -25.55 31.16
CA ILE D 58 24.65 -24.13 31.40
C ILE D 58 25.91 -23.29 31.19
N ASP D 59 25.75 -22.11 30.59
CA ASP D 59 26.88 -21.21 30.36
C ASP D 59 27.16 -20.47 31.67
N ARG D 60 28.12 -20.97 32.43
CA ARG D 60 28.43 -20.40 33.72
C ARG D 60 29.01 -18.99 33.71
N LYS D 61 29.24 -18.45 32.51
CA LYS D 61 29.79 -17.11 32.40
C LYS D 61 28.70 -16.06 32.60
N ARG D 62 27.50 -16.35 32.14
CA ARG D 62 26.38 -15.43 32.27
C ARG D 62 25.21 -16.11 32.95
N TRP D 63 25.34 -17.41 33.18
CA TRP D 63 24.28 -18.19 33.82
C TRP D 63 22.94 -18.16 33.09
N TRP D 64 23.03 -18.27 31.78
CA TRP D 64 21.87 -18.35 30.90
C TRP D 64 22.40 -18.86 29.57
N GLY D 65 21.58 -19.66 28.91
CA GLY D 65 21.98 -20.21 27.63
C GLY D 65 22.90 -21.40 27.77
N ILE D 66 23.22 -22.02 26.64
CA ILE D 66 24.08 -23.18 26.63
C ILE D 66 25.54 -22.81 26.40
N GLU D 67 26.42 -23.55 27.07
CA GLU D 67 27.87 -23.35 26.99
C GLU D 67 28.34 -23.69 25.58
N ASN D 68 29.06 -22.76 24.96
CA ASN D 68 29.60 -22.95 23.60
C ASN D 68 28.48 -23.19 22.60
N ASP D 69 27.49 -22.31 22.63
CA ASP D 69 26.36 -22.41 21.73
C ASP D 69 26.71 -21.56 20.52
N THR D 70 26.42 -22.06 19.33
CA THR D 70 26.69 -21.33 18.09
C THR D 70 25.51 -20.40 17.81
N PHE D 71 25.72 -19.30 17.11
CA PHE D 71 24.60 -18.40 16.85
C PHE D 71 24.31 -18.13 15.39
N GLY D 72 24.27 -19.19 14.61
CA GLY D 72 24.02 -19.06 13.19
C GLY D 72 22.77 -18.31 12.82
N THR D 73 21.61 -18.84 13.22
CA THR D 73 20.35 -18.20 12.90
C THR D 73 20.42 -16.76 13.41
N TYR D 74 21.06 -16.56 14.56
CA TYR D 74 21.18 -15.21 15.15
C TYR D 74 22.03 -14.27 14.32
N GLU D 75 23.32 -14.58 14.21
CA GLU D 75 24.25 -13.76 13.44
C GLU D 75 23.70 -13.48 12.04
N ARG D 76 22.97 -14.43 11.48
CA ARG D 76 22.41 -14.25 10.14
C ARG D 76 21.41 -13.11 10.09
N LYS D 78 21.28 -10.86 12.16
CA LYS D 78 21.99 -9.69 12.64
C LYS D 78 22.48 -8.95 11.39
N GLU D 79 22.98 -9.71 10.42
CA GLU D 79 23.47 -9.15 9.17
C GLU D 79 22.32 -8.43 8.46
N LEU D 80 21.17 -9.08 8.39
CA LEU D 80 19.99 -8.51 7.76
C LEU D 80 19.42 -7.42 8.66
N GLY D 81 20.18 -7.12 9.72
CA GLY D 81 19.77 -6.09 10.66
C GLY D 81 18.41 -6.32 11.27
N ILE D 82 18.22 -7.48 11.88
CA ILE D 82 16.93 -7.75 12.51
C ILE D 82 17.16 -8.25 13.93
N GLU D 83 16.96 -7.34 14.89
CA GLU D 83 17.13 -7.69 16.30
C GLU D 83 16.07 -8.71 16.65
N GLU D 84 16.48 -9.78 17.31
CA GLU D 84 15.55 -10.84 17.70
C GLU D 84 14.97 -10.58 19.11
N GLY D 85 15.53 -9.60 19.81
CA GLY D 85 15.02 -9.30 21.13
C GLY D 85 15.93 -9.86 22.21
N LEU D 86 16.61 -10.96 21.89
CA LEU D 86 17.54 -11.62 22.80
C LEU D 86 18.44 -12.56 21.98
N LYS D 87 19.70 -12.69 22.39
CA LYS D 87 20.63 -13.55 21.67
C LYS D 87 20.24 -15.00 21.85
N LEU D 88 19.62 -15.59 20.84
CA LEU D 88 19.22 -16.99 20.94
C LEU D 88 20.25 -17.89 20.28
N GLY D 89 20.84 -18.78 21.06
CA GLY D 89 21.81 -19.71 20.50
C GLY D 89 21.10 -20.76 19.68
N ASP D 90 21.83 -21.45 18.82
CA ASP D 90 21.18 -22.47 18.01
C ASP D 90 20.73 -23.67 18.81
N ARG D 91 21.58 -24.17 19.71
CA ARG D 91 21.23 -25.32 20.56
C ARG D 91 20.18 -24.90 21.58
N ASP D 92 20.32 -23.67 22.08
CA ASP D 92 19.35 -23.17 23.02
C ASP D 92 17.99 -23.07 22.30
N ARG D 93 17.99 -22.83 20.99
CA ARG D 93 16.71 -22.71 20.26
C ARG D 93 16.06 -24.07 20.11
N ALA D 94 16.89 -25.09 20.03
CA ALA D 94 16.44 -26.46 19.88
C ALA D 94 15.49 -26.80 21.01
N THR D 95 15.79 -26.24 22.19
CA THR D 95 14.96 -26.47 23.36
C THR D 95 13.60 -25.83 23.14
N HIS D 96 13.61 -24.57 22.67
CA HIS D 96 12.39 -23.82 22.42
C HIS D 96 11.48 -24.57 21.49
N ILE D 97 12.07 -25.07 20.42
CA ILE D 97 11.35 -25.83 19.41
C ILE D 97 10.76 -27.11 20.01
N ILE D 98 11.63 -27.97 20.54
CA ILE D 98 11.22 -29.24 21.14
C ILE D 98 10.08 -29.05 22.13
N ARG D 99 10.17 -28.00 22.95
CA ARG D 99 9.14 -27.67 23.93
C ARG D 99 7.89 -27.23 23.20
N SER D 100 8.05 -26.19 22.37
CA SER D 100 6.93 -25.65 21.63
C SER D 100 6.14 -26.70 20.86
N ASN D 101 6.81 -27.57 20.12
CA ASN D 101 6.11 -28.61 19.37
C ASN D 101 5.16 -29.39 20.28
N ILE D 102 5.65 -29.76 21.45
CA ILE D 102 4.85 -30.48 22.42
C ILE D 102 3.62 -29.65 22.81
N ILE D 103 3.84 -28.38 23.16
CA ILE D 103 2.76 -27.47 23.55
C ILE D 103 1.80 -27.36 22.38
N ARG D 104 2.37 -27.25 21.16
CA ARG D 104 1.58 -27.14 19.95
C ARG D 104 0.83 -28.42 19.63
N ASP D 105 1.33 -29.54 20.14
CA ASP D 105 0.65 -30.78 19.87
C ASP D 105 -0.44 -31.12 20.86
N GLY D 106 -0.73 -30.19 21.78
CA GLY D 106 -1.79 -30.44 22.75
C GLY D 106 -1.33 -30.75 24.15
N ALA D 107 -0.04 -30.63 24.41
CA ALA D 107 0.52 -30.90 25.72
C ALA D 107 0.70 -29.63 26.54
N SER D 108 0.95 -29.80 27.84
CA SER D 108 1.12 -28.68 28.75
C SER D 108 2.59 -28.29 28.92
N LEU D 109 2.78 -27.12 29.49
CA LEU D 109 4.12 -26.63 29.72
C LEU D 109 4.86 -27.65 30.58
N THR D 110 4.16 -28.25 31.55
CA THR D 110 4.79 -29.24 32.43
C THR D 110 5.18 -30.47 31.63
N ASP D 111 4.30 -30.90 30.73
CA ASP D 111 4.62 -32.05 29.89
C ASP D 111 5.91 -31.85 29.17
N SER D 112 6.06 -30.67 28.57
CA SER D 112 7.27 -30.36 27.81
C SER D 112 8.49 -30.37 28.69
N THR D 113 8.33 -29.86 29.91
CA THR D 113 9.42 -29.79 30.87
C THR D 113 9.85 -31.18 31.31
N VAL D 114 8.89 -32.09 31.37
CA VAL D 114 9.15 -33.48 31.74
C VAL D 114 9.91 -34.19 30.62
N LYS D 115 9.46 -34.00 29.38
CA LYS D 115 10.10 -34.62 28.24
C LYS D 115 11.50 -34.10 28.00
N LEU D 116 11.68 -32.79 28.15
CA LEU D 116 13.00 -32.21 27.97
C LEU D 116 13.96 -32.80 28.99
N SER D 117 13.47 -32.96 30.23
CA SER D 117 14.29 -33.53 31.30
C SER D 117 14.77 -34.89 30.86
N SER D 118 13.87 -35.72 30.37
CA SER D 118 14.26 -37.04 29.93
C SER D 118 15.31 -36.91 28.84
N LEU D 119 15.03 -36.06 27.86
CA LEU D 119 15.97 -35.84 26.76
C LEU D 119 17.35 -35.40 27.25
N PHE D 120 17.37 -34.63 28.34
CA PHE D 120 18.61 -34.13 28.93
C PHE D 120 19.15 -35.11 29.98
N GLY D 121 18.36 -36.13 30.30
CA GLY D 121 18.76 -37.12 31.28
C GLY D 121 18.93 -36.58 32.70
N ILE D 122 18.15 -35.57 33.08
CA ILE D 122 18.29 -35.02 34.43
C ILE D 122 17.37 -35.76 35.39
N LYS D 123 17.96 -36.21 36.50
CA LYS D 123 17.25 -36.97 37.54
C LYS D 123 16.32 -36.11 38.36
N ALA D 124 16.69 -34.85 38.52
CA ALA D 124 15.89 -33.90 39.29
C ALA D 124 14.51 -33.72 38.72
N ASN D 125 13.61 -33.26 39.57
CA ASN D 125 12.23 -33.02 39.18
C ASN D 125 12.02 -31.53 38.91
N ILE D 126 12.25 -31.11 37.67
CA ILE D 126 12.07 -29.70 37.29
C ILE D 126 10.62 -29.48 36.83
N LEU D 127 9.90 -28.60 37.52
CA LEU D 127 8.51 -28.35 37.17
C LEU D 127 8.18 -26.86 37.16
N PRO D 128 7.37 -26.41 36.19
CA PRO D 128 6.99 -25.00 36.09
C PRO D 128 5.91 -24.69 37.12
N SER D 130 3.26 -23.18 36.85
CA SER D 130 1.94 -23.44 36.29
C SER D 130 1.86 -23.59 34.77
N ASP D 131 0.89 -24.39 34.32
CA ASP D 131 0.71 -24.60 32.91
C ASP D 131 0.01 -23.40 32.31
N ASP D 132 -0.58 -22.58 33.15
CA ASP D 132 -1.27 -21.41 32.66
C ASP D 132 -0.31 -20.28 32.41
N PRO D 133 -0.68 -19.36 31.49
CA PRO D 133 0.12 -18.19 31.12
C PRO D 133 0.14 -17.09 32.16
N VAL D 134 1.33 -16.56 32.40
CA VAL D 134 1.50 -15.48 33.36
C VAL D 134 2.67 -14.67 32.85
N SER D 135 2.49 -13.36 32.71
CA SER D 135 3.58 -12.51 32.23
C SER D 135 3.80 -11.29 33.11
N THR D 136 5.07 -10.96 33.35
CA THR D 136 5.42 -9.82 34.18
C THR D 136 5.61 -8.57 33.33
N TYR D 137 4.86 -7.52 33.63
CA TYR D 137 4.99 -6.27 32.89
C TYR D 137 5.51 -5.18 33.82
N ILE D 138 6.41 -4.35 33.31
CA ILE D 138 6.96 -3.29 34.14
C ILE D 138 6.45 -1.92 33.71
N GLU D 139 5.89 -1.22 34.69
CA GLU D 139 5.34 0.11 34.47
C GLU D 139 6.42 1.16 34.71
N THR D 140 7.17 1.47 33.66
CA THR D 140 8.24 2.45 33.76
C THR D 140 7.75 3.86 33.43
N ALA D 141 8.65 4.82 33.57
CA ALA D 141 8.33 6.21 33.27
C ALA D 141 8.40 6.38 31.75
N GLU D 142 8.11 5.32 31.02
CA GLU D 142 8.13 5.39 29.55
C GLU D 142 6.99 4.56 28.99
N GLY D 143 6.25 3.92 29.88
CA GLY D 143 5.14 3.10 29.46
C GLY D 143 5.11 1.71 30.04
N ILE D 144 4.04 0.97 29.74
CA ILE D 144 3.87 -0.39 30.22
C ILE D 144 4.50 -1.34 29.21
N HIS D 146 7.03 -5.16 28.66
CA HIS D 146 7.31 -6.47 29.24
C HIS D 146 8.70 -6.47 29.88
N PHE D 147 8.89 -7.35 30.85
CA PHE D 147 10.15 -7.44 31.56
C PHE D 147 11.37 -7.49 30.63
N GLN D 148 11.39 -8.48 29.73
CA GLN D 148 12.52 -8.65 28.83
C GLN D 148 12.78 -7.40 28.01
N ASP D 149 11.71 -6.71 27.64
CA ASP D 149 11.83 -5.50 26.86
C ASP D 149 12.42 -4.41 27.74
N PHE D 150 12.36 -4.62 29.05
CA PHE D 150 12.88 -3.65 30.01
C PHE D 150 14.29 -3.98 30.43
N TRP D 151 14.49 -5.20 30.92
CA TRP D 151 15.80 -5.64 31.39
C TRP D 151 16.81 -5.89 30.26
N ILE D 152 16.40 -6.61 29.22
CA ILE D 152 17.29 -6.92 28.08
C ILE D 152 17.31 -5.77 27.07
N GLY D 153 16.18 -5.52 26.43
CA GLY D 153 16.09 -4.45 25.45
C GLY D 153 16.52 -3.08 25.96
N LYS D 154 15.93 -2.64 27.07
CA LYS D 154 16.24 -1.34 27.66
C LYS D 154 17.38 -1.37 28.69
N ARG D 155 17.98 -2.54 28.88
CA ARG D 155 19.07 -2.71 29.84
C ARG D 155 18.65 -2.41 31.29
N GLY D 156 17.35 -2.38 31.54
CA GLY D 156 16.84 -2.10 32.88
C GLY D 156 17.13 -0.70 33.41
N GLU D 157 17.30 0.26 32.49
CA GLU D 157 17.60 1.64 32.86
C GLU D 157 16.33 2.47 33.14
N PRO D 158 15.30 2.31 32.28
CA PRO D 158 14.06 3.07 32.45
C PRO D 158 13.64 3.07 33.92
N ASP D 159 13.29 4.23 34.45
CA ASP D 159 12.88 4.31 35.84
C ASP D 159 11.52 3.64 36.04
N VAL D 160 11.46 2.71 37.00
CA VAL D 160 10.23 1.95 37.28
C VAL D 160 9.28 2.63 38.27
N ARG D 161 7.99 2.51 38.02
CA ARG D 161 7.00 3.12 38.90
C ARG D 161 6.08 2.05 39.49
N GLY D 162 5.97 0.94 38.77
CA GLY D 162 5.12 -0.15 39.23
C GLY D 162 5.38 -1.45 38.49
N VAL D 163 4.96 -2.56 39.08
CA VAL D 163 5.13 -3.87 38.48
C VAL D 163 3.75 -4.51 38.34
N ASP D 164 3.56 -5.31 37.29
CA ASP D 164 2.28 -5.97 37.04
C ASP D 164 2.45 -7.42 36.54
N ILE D 165 2.23 -8.37 37.43
CA ILE D 165 2.35 -9.78 37.07
C ILE D 165 0.97 -10.30 36.72
N ARG D 166 0.61 -10.14 35.45
CA ARG D 166 -0.69 -10.52 34.92
C ARG D 166 -0.93 -12.02 34.77
N GLY D 167 -2.18 -12.42 34.93
CA GLY D 167 -2.57 -13.82 34.76
C GLY D 167 -2.43 -14.72 35.95
N VAL D 168 -1.46 -14.40 36.80
CA VAL D 168 -1.17 -15.19 37.99
C VAL D 168 -2.41 -15.42 38.80
N SER D 169 -3.29 -14.43 38.81
CA SER D 169 -4.53 -14.53 39.56
C SER D 169 -5.47 -15.56 38.92
N GLU D 170 -5.36 -15.78 37.61
CA GLU D 170 -6.22 -16.75 36.91
C GLU D 170 -5.43 -18.03 36.63
N ALA D 171 -4.19 -18.06 37.12
CA ALA D 171 -3.30 -19.20 36.93
C ALA D 171 -3.55 -20.25 38.00
N SER D 172 -3.21 -21.49 37.69
CA SER D 172 -3.40 -22.58 38.64
C SER D 172 -2.12 -23.37 38.83
N ILE D 173 -1.75 -23.54 40.10
CA ILE D 173 -0.55 -24.30 40.47
C ILE D 173 -0.48 -25.64 39.72
N SER D 174 0.55 -25.79 38.90
CA SER D 174 0.75 -27.01 38.14
C SER D 174 0.34 -28.23 38.95
N PRO D 175 -0.41 -29.15 38.35
CA PRO D 175 -0.86 -30.36 39.05
C PRO D 175 0.33 -31.11 39.67
N LYS D 176 1.47 -31.14 38.97
CA LYS D 176 2.63 -31.84 39.52
C LYS D 176 3.17 -31.09 40.72
N VAL D 177 3.20 -29.77 40.68
CA VAL D 177 3.70 -29.00 41.81
C VAL D 177 2.79 -29.25 43.02
N LEU D 178 1.48 -29.24 42.80
CA LEU D 178 0.56 -29.50 43.90
C LEU D 178 0.75 -30.93 44.39
N GLU D 179 0.99 -31.84 43.44
CA GLU D 179 1.18 -33.24 43.76
C GLU D 179 2.45 -33.46 44.58
N ALA D 180 3.46 -32.63 44.32
CA ALA D 180 4.74 -32.69 45.02
C ALA D 180 4.57 -32.14 46.44
N PHE D 181 3.81 -31.05 46.60
CA PHE D 181 3.57 -30.48 47.92
C PHE D 181 2.87 -31.49 48.81
N GLU D 182 2.20 -32.45 48.18
CA GLU D 182 1.46 -33.50 48.88
C GLU D 182 2.42 -34.42 49.62
N LYS D 183 3.50 -34.78 48.95
CA LYS D 183 4.50 -35.67 49.52
C LYS D 183 5.73 -34.93 50.01
N GLU D 184 5.57 -33.71 50.51
CA GLU D 184 6.73 -32.94 50.99
C GLU D 184 6.35 -31.95 52.06
N GLU D 185 7.34 -31.49 52.84
CA GLU D 185 7.06 -30.51 53.89
C GLU D 185 8.29 -29.62 54.12
N ASN D 186 9.15 -29.60 53.13
CA ASN D 186 10.35 -28.78 53.18
C ASN D 186 10.43 -27.94 51.94
N ILE D 187 10.19 -26.64 52.09
CA ILE D 187 10.24 -25.74 50.94
C ILE D 187 11.40 -24.76 51.07
N LEU D 188 12.22 -24.66 50.03
CA LEU D 188 13.35 -23.76 50.08
C LEU D 188 13.25 -22.62 49.07
N ILE D 189 13.02 -21.42 49.56
CA ILE D 189 12.93 -20.27 48.68
C ILE D 189 14.34 -19.84 48.30
N GLY D 190 14.79 -20.21 47.10
CA GLY D 190 16.12 -19.84 46.67
C GLY D 190 16.35 -18.34 46.67
N PRO D 191 17.61 -17.88 46.55
CA PRO D 191 17.91 -16.46 46.54
C PRO D 191 17.64 -15.80 45.18
N SER D 192 16.38 -15.77 44.76
CA SER D 192 15.99 -15.16 43.48
C SER D 192 15.17 -13.90 43.72
N ASN D 193 14.89 -13.12 42.67
CA ASN D 193 14.08 -11.90 42.80
C ASN D 193 12.78 -12.22 43.53
N PRO D 194 12.57 -11.61 44.72
CA PRO D 194 11.37 -11.84 45.52
C PRO D 194 10.10 -11.28 44.90
N ILE D 195 10.29 -10.28 44.05
CA ILE D 195 9.17 -9.62 43.39
C ILE D 195 8.75 -10.19 42.04
N THR D 196 9.71 -10.43 41.16
CA THR D 196 9.47 -10.95 39.81
C THR D 196 9.70 -12.44 39.53
N SER D 197 10.30 -13.15 40.49
CA SER D 197 10.59 -14.58 40.38
C SER D 197 9.88 -15.41 41.44
N ILE D 198 10.21 -15.17 42.71
CA ILE D 198 9.58 -15.94 43.79
C ILE D 198 8.13 -15.49 43.98
N GLY D 199 7.90 -14.19 43.82
CA GLY D 199 6.57 -13.63 43.99
C GLY D 199 5.52 -14.30 43.12
N PRO D 200 5.73 -14.35 41.80
CA PRO D 200 4.78 -14.99 40.89
C PRO D 200 4.38 -16.37 41.36
N ILE D 201 5.37 -17.09 41.89
CA ILE D 201 5.15 -18.44 42.39
C ILE D 201 4.23 -18.42 43.61
N ILE D 202 4.63 -17.69 44.66
CA ILE D 202 3.81 -17.63 45.89
C ILE D 202 2.51 -16.88 45.66
N SER D 203 2.42 -16.18 44.53
CA SER D 203 1.23 -15.41 44.21
C SER D 203 0.13 -16.26 43.59
N LEU D 204 0.45 -17.49 43.19
CA LEU D 204 -0.56 -18.36 42.61
C LEU D 204 -1.64 -18.66 43.66
N PRO D 205 -2.91 -18.78 43.24
CA PRO D 205 -3.99 -19.07 44.16
C PRO D 205 -3.81 -20.38 44.94
N GLY D 206 -3.74 -20.22 46.27
CA GLY D 206 -3.57 -21.34 47.18
C GLY D 206 -2.14 -21.65 47.55
N ARG D 208 0.30 -19.16 49.04
CA ARG D 208 0.66 -18.53 50.30
C ARG D 208 0.10 -19.31 51.48
N GLU D 209 -0.89 -20.17 51.22
CA GLU D 209 -1.48 -20.97 52.28
C GLU D 209 -0.82 -22.35 52.41
N LEU D 210 -0.31 -22.87 51.30
CA LEU D 210 0.37 -24.15 51.27
C LEU D 210 1.76 -24.02 51.94
N LEU D 211 2.30 -22.80 51.92
CA LEU D 211 3.61 -22.55 52.50
C LEU D 211 3.49 -22.43 54.02
N LYS D 212 2.26 -22.26 54.48
CA LYS D 212 2.03 -22.16 55.89
C LYS D 212 2.03 -23.54 56.50
N LYS D 213 1.65 -24.54 55.71
CA LYS D 213 1.58 -25.91 56.22
C LYS D 213 2.90 -26.65 56.06
N LYS D 214 3.95 -25.92 55.68
CA LYS D 214 5.26 -26.54 55.47
C LYS D 214 6.41 -25.75 56.10
N LYS D 215 7.56 -26.41 56.23
CA LYS D 215 8.77 -25.81 56.79
C LYS D 215 9.45 -25.01 55.68
N VAL D 216 9.25 -23.71 55.69
CA VAL D 216 9.83 -22.86 54.69
C VAL D 216 11.17 -22.29 55.14
N VAL D 217 12.17 -22.33 54.28
CA VAL D 217 13.49 -21.78 54.61
C VAL D 217 13.79 -20.89 53.40
N ALA D 218 14.21 -19.65 53.65
CA ALA D 218 14.52 -18.72 52.56
C ALA D 218 15.94 -18.20 52.67
N VAL D 219 16.61 -17.97 51.54
CA VAL D 219 17.97 -17.42 51.51
C VAL D 219 17.94 -16.02 50.86
N SER D 220 18.23 -15.00 51.66
CA SER D 220 18.20 -13.61 51.19
C SER D 220 18.93 -13.37 49.86
N PRO D 221 18.21 -12.86 48.86
CA PRO D 221 18.79 -12.58 47.55
C PRO D 221 19.43 -11.21 47.57
N ILE D 222 19.23 -10.51 48.67
CA ILE D 222 19.78 -9.17 48.83
C ILE D 222 20.93 -9.18 49.84
N ILE D 223 22.15 -8.97 49.36
CA ILE D 223 23.31 -8.93 50.25
C ILE D 223 23.61 -7.49 50.64
N GLY D 224 23.21 -7.14 51.86
CA GLY D 224 23.42 -5.80 52.37
C GLY D 224 22.21 -4.91 52.09
N ASN D 225 22.41 -3.92 51.20
CA ASN D 225 21.36 -2.97 50.82
C ASN D 225 21.07 -2.96 49.32
N ALA D 226 21.55 -3.99 48.61
CA ALA D 226 21.33 -4.13 47.18
C ALA D 226 21.49 -5.59 46.75
N PRO D 227 20.86 -5.96 45.63
CA PRO D 227 20.92 -7.31 45.07
C PRO D 227 22.27 -7.58 44.43
N VAL D 228 22.64 -8.85 44.29
CA VAL D 228 23.90 -9.25 43.67
C VAL D 228 23.77 -9.07 42.17
N SER D 229 22.53 -8.98 41.69
CA SER D 229 22.25 -8.80 40.27
C SER D 229 20.75 -8.60 40.06
N GLY D 230 20.32 -8.59 38.80
CA GLY D 230 18.90 -8.42 38.54
C GLY D 230 18.39 -7.02 38.89
N PRO D 231 17.25 -6.63 38.31
CA PRO D 231 16.65 -5.32 38.55
C PRO D 231 15.94 -5.25 39.91
N ALA D 232 16.36 -6.11 40.83
CA ALA D 232 15.78 -6.16 42.16
C ALA D 232 15.86 -4.80 42.83
N GLY D 233 16.93 -4.06 42.53
CA GLY D 233 17.12 -2.75 43.12
C GLY D 233 15.94 -1.82 42.88
N LYS D 234 15.36 -1.87 41.69
CA LYS D 234 14.22 -1.01 41.36
C LYS D 234 12.87 -1.64 41.62
N LEU D 235 12.63 -2.78 41.00
CA LEU D 235 11.37 -3.48 41.15
C LEU D 235 10.82 -3.55 42.57
N PRO D 237 11.61 -1.69 45.73
CA PRO D 237 11.16 -0.45 46.36
C PRO D 237 10.01 0.14 45.55
N ALA D 238 10.19 0.21 44.23
CA ALA D 238 9.15 0.74 43.38
C ALA D 238 7.86 -0.05 43.53
N CYS D 239 7.94 -1.22 44.16
CA CYS D 239 6.75 -2.03 44.35
C CYS D 239 6.22 -1.94 45.75
N GLY D 240 7.08 -1.47 46.65
CA GLY D 240 6.65 -1.33 48.03
C GLY D 240 7.35 -2.26 48.98
N ILE D 241 8.62 -2.54 48.74
CA ILE D 241 9.38 -3.42 49.62
C ILE D 241 10.74 -2.79 49.87
N GLU D 242 11.26 -3.00 51.08
CA GLU D 242 12.56 -2.45 51.42
C GLU D 242 13.69 -3.27 50.77
N VAL D 243 14.69 -2.61 50.21
CA VAL D 243 15.79 -3.32 49.58
C VAL D 243 16.86 -3.70 50.60
N SER D 244 16.52 -4.61 51.50
CA SER D 244 17.44 -5.07 52.55
C SER D 244 17.17 -6.52 52.96
N SER D 245 18.21 -7.21 53.40
CA SER D 245 18.09 -8.60 53.83
C SER D 245 16.91 -8.67 54.78
N GLY D 247 14.18 -6.50 54.68
CA GLY D 247 12.93 -6.36 53.95
C GLY D 247 12.44 -7.67 53.37
N VAL D 248 13.34 -8.46 52.79
CA VAL D 248 12.95 -9.75 52.20
C VAL D 248 12.17 -10.59 53.20
N ALA D 249 12.69 -10.66 54.41
CA ALA D 249 12.06 -11.44 55.47
C ALA D 249 10.62 -11.00 55.76
N GLU D 250 10.39 -9.69 55.81
CA GLU D 250 9.04 -9.18 56.07
C GLU D 250 8.10 -9.57 54.95
N TYR D 251 8.64 -9.71 53.75
CA TYR D 251 7.82 -10.08 52.59
C TYR D 251 7.30 -11.50 52.74
N TYR D 252 8.17 -12.42 53.15
CA TYR D 252 7.74 -13.81 53.30
C TYR D 252 7.21 -14.10 54.70
N GLN D 253 7.08 -13.04 55.49
CA GLN D 253 6.62 -13.15 56.87
C GLN D 253 5.39 -14.02 57.10
N ASP D 254 4.55 -14.20 56.09
CA ASP D 254 3.34 -15.01 56.27
C ASP D 254 3.55 -16.53 56.21
N PHE D 255 4.79 -17.00 56.06
CA PHE D 255 5.02 -18.44 55.98
C PHE D 255 6.47 -18.84 56.25
N LEU D 256 7.36 -17.87 56.16
CA LEU D 256 8.79 -18.07 56.38
C LEU D 256 9.08 -18.58 57.77
N ASP D 257 9.88 -19.64 57.86
CA ASP D 257 10.23 -20.20 59.14
C ASP D 257 11.69 -19.94 59.47
N VAL D 258 12.57 -20.21 58.51
CA VAL D 258 14.00 -20.00 58.72
C VAL D 258 14.52 -19.07 57.64
N PHE D 259 15.39 -18.15 58.02
CA PHE D 259 15.96 -17.20 57.06
C PHE D 259 17.48 -17.32 57.10
N VAL D 260 18.13 -17.21 55.94
CA VAL D 260 19.58 -17.30 55.87
C VAL D 260 20.14 -16.16 55.02
N PHE D 261 20.46 -15.02 55.64
CA PHE D 261 21.03 -13.89 54.90
C PHE D 261 22.55 -13.88 54.95
N ASP D 262 23.15 -13.05 54.10
CA ASP D 262 24.60 -12.98 54.04
C ASP D 262 25.23 -12.47 55.33
N GLU D 263 26.45 -12.92 55.60
CA GLU D 263 27.19 -12.54 56.79
C GLU D 263 27.76 -11.13 56.69
N ARG D 264 27.87 -10.61 55.47
CA ARG D 264 28.38 -9.27 55.25
C ARG D 264 27.54 -8.19 55.92
N ASP D 265 26.65 -8.55 56.85
CA ASP D 265 25.84 -7.54 57.54
C ASP D 265 24.97 -8.09 58.66
N ARG D 266 25.58 -8.73 59.66
CA ARG D 266 24.83 -9.28 60.79
C ARG D 266 23.74 -8.32 61.26
N ALA D 267 22.51 -8.63 60.90
CA ALA D 267 21.41 -7.79 61.27
C ALA D 267 20.90 -8.16 62.65
N ASP D 268 19.96 -7.36 63.14
CA ASP D 268 19.35 -7.55 64.43
C ASP D 268 18.69 -8.93 64.48
N GLU D 269 19.33 -9.86 65.18
CA GLU D 269 18.77 -11.19 65.30
C GLU D 269 17.44 -11.10 66.05
N PHE D 270 17.29 -10.09 66.90
CA PHE D 270 16.06 -9.88 67.67
C PHE D 270 14.96 -9.34 66.74
N ALA D 271 15.37 -8.63 65.69
CA ALA D 271 14.42 -8.08 64.72
C ALA D 271 13.65 -9.23 64.09
N PHE D 272 14.38 -10.24 63.62
CA PHE D 272 13.77 -11.40 62.99
C PHE D 272 12.87 -12.19 63.95
N GLU D 273 13.36 -12.39 65.19
CA GLU D 273 12.61 -13.11 66.21
C GLU D 273 11.23 -12.49 66.39
N ARG D 274 11.16 -11.17 66.38
CA ARG D 274 9.89 -10.47 66.51
C ARG D 274 9.39 -10.19 65.09
N LEU D 275 9.53 -11.19 64.23
CA LEU D 275 9.10 -11.13 62.85
C LEU D 275 8.50 -12.51 62.51
N GLY D 276 9.00 -13.54 63.22
CA GLY D 276 8.52 -14.90 63.03
C GLY D 276 9.46 -15.86 62.32
N CYS D 277 10.73 -15.49 62.20
CA CYS D 277 11.68 -16.34 61.50
C CYS D 277 13.07 -16.32 62.12
N HIS D 278 13.61 -17.50 62.40
CA HIS D 278 14.94 -17.58 62.98
C HIS D 278 15.96 -17.14 61.95
N ALA D 279 16.65 -16.02 62.21
CA ALA D 279 17.66 -15.51 61.29
C ALA D 279 18.89 -16.42 61.31
N SER D 280 19.90 -16.07 60.53
CA SER D 280 21.13 -16.87 60.46
C SER D 280 22.05 -16.32 59.39
N ARG D 281 23.20 -15.78 59.78
CA ARG D 281 24.14 -15.23 58.80
C ARG D 281 24.95 -16.35 58.14
N ALA D 282 25.51 -16.09 56.96
CA ALA D 282 26.33 -17.08 56.24
C ALA D 282 26.76 -16.54 54.88
N ASP D 283 28.03 -16.71 54.52
CA ASP D 283 28.52 -16.23 53.23
C ASP D 283 27.68 -16.86 52.12
N THR D 284 26.83 -16.03 51.50
CA THR D 284 25.95 -16.47 50.42
C THR D 284 26.40 -15.98 49.05
N LEU D 285 27.57 -15.38 48.97
CA LEU D 285 28.07 -14.90 47.68
C LEU D 285 28.71 -16.04 46.90
N THR D 287 30.64 -17.66 44.74
CA THR D 287 31.73 -17.35 43.83
C THR D 287 32.15 -18.57 43.03
N SER D 288 31.81 -19.75 43.53
CA SER D 288 32.18 -20.96 42.84
C SER D 288 31.24 -22.07 43.25
N THR D 289 31.24 -23.15 42.48
CA THR D 289 30.37 -24.26 42.80
C THR D 289 30.63 -24.67 44.23
N GLU D 290 31.90 -24.61 44.62
CA GLU D 290 32.26 -24.98 45.98
C GLU D 290 31.55 -24.11 46.97
N LYS D 291 31.41 -22.82 46.67
CA LYS D 291 30.71 -21.90 47.57
C LYS D 291 29.23 -22.21 47.62
N SER D 292 28.71 -22.79 46.53
CA SER D 292 27.30 -23.14 46.47
C SER D 292 27.08 -24.34 47.38
N LYS D 293 28.00 -25.30 47.30
CA LYS D 293 27.91 -26.51 48.12
C LYS D 293 28.02 -26.14 49.59
N GLU D 294 28.94 -25.24 49.89
CA GLU D 294 29.16 -24.78 51.25
C GLU D 294 27.86 -24.23 51.81
N LEU D 295 27.27 -23.28 51.09
CA LEU D 295 26.03 -22.67 51.52
C LEU D 295 24.89 -23.68 51.51
N ALA D 296 24.92 -24.61 50.55
CA ALA D 296 23.88 -25.63 50.43
C ALA D 296 23.86 -26.52 51.66
N GLU D 297 25.03 -26.83 52.20
CA GLU D 297 25.11 -27.66 53.41
C GLU D 297 24.47 -26.90 54.57
N ILE D 298 24.74 -25.59 54.65
CA ILE D 298 24.20 -24.71 55.71
C ILE D 298 22.67 -24.75 55.66
N VAL D 299 22.13 -24.83 54.44
CA VAL D 299 20.68 -24.87 54.24
C VAL D 299 20.11 -26.24 54.64
N VAL D 300 20.80 -27.33 54.29
CA VAL D 300 20.30 -28.66 54.66
C VAL D 300 20.36 -28.75 56.18
N GLN D 301 21.34 -28.08 56.77
CA GLN D 301 21.46 -28.09 58.21
C GLN D 301 20.31 -27.30 58.84
N ALA D 302 19.98 -26.17 58.22
CA ALA D 302 18.90 -25.31 58.70
C ALA D 302 17.59 -26.06 58.70
N PHE D 303 17.48 -27.01 57.78
CA PHE D 303 16.29 -27.82 57.67
C PHE D 303 16.29 -28.92 58.71
N LEU D 304 17.47 -29.47 59.00
CA LEU D 304 17.58 -30.56 59.98
C LEU D 304 17.39 -30.11 61.43
N GLU D 305 17.82 -28.88 61.73
CA GLU D 305 17.70 -28.33 63.08
C GLU D 305 16.29 -27.82 63.41
#